data_4LGN
#
_entry.id   4LGN
#
_cell.length_a   74.761
_cell.length_b   78.686
_cell.length_c   143.952
_cell.angle_alpha   90.00
_cell.angle_beta   90.00
_cell.angle_gamma   90.00
#
_symmetry.space_group_name_H-M   'P 21 21 21'
#
loop_
_entity.id
_entity.type
_entity.pdbx_description
1 polymer 'Cellulose-binding, family II'
2 non-polymer 'POTASSIUM ION'
3 non-polymer 1,2-ETHANEDIOL
4 non-polymer GLYCEROL
5 non-polymer 'ACETATE ION'
6 non-polymer 'SODIUM ION'
7 non-polymer 'FORMIC ACID'
8 water water
#
_entity_poly.entity_id   1
_entity_poly.type   'polypeptide(L)'
_entity_poly.pdbx_seq_one_letter_code
;MATTQPYTWSNVAIGGGGFVDGIVFNEGAPGILYVRTDIGGMYRWDAANGRWIPLLDWVGWNNWGYNGVVSIAADPINTN
KVWAAVGMYTNSWDPNDGAILRSSDQGATWQITPLPFKLGGNMPGRGMGERLAVDPNNDNILYFGAPSGKGLWRSTDSGA
TWSQMTNFPDVGTYIANPTDTTGYQSDIQGVVWVAFDKSSSSLGQASKTIFVGVADPNNPVFWSRDGGATWQAVPGAPTG
FIPHKGVFDPVNHVLYIATSNTGGPYDGSSGDVWKFSVTSGTWTRISPVPSTDTANDYFGYSGLTIDRQHPNTIMVATQI
SWWPDTIIFRSTDGGATWTRIWDWTSYPNRSLRYVLDISAEPWLTFGVQPNPPVPSPKLGWMDEAMAIDPFNSDRMLYGT
GATLYATNDLTKWDSGGQIHIAPMVKGLEETAVNDLISPPSGAPLISALGDLGGFTHADVTAVPSTIFTSPVFTTGTSVD
YAELNPSIIVRAGSFDPSSQPNDRHVAFSTDGGKNWFQGSEPGGVTTGGTVAASADGSRFVWAPGDPGQPVVYAVGFGNS
WAASQGVPANAQIRSDRVNPKTFYALSNGTFYRSTDGGVTFQPVAAGLPSSGAVGVMFHAVPGKEGDLWLAASSGLYHST
NGGSSWSAITGVSSAVNVGFGKSAPGSSYPAVFVVGTIGGVTGAYRSDDGGTTWVRINDDQHQYGNWGQAITGDPRIYGR
VYIGTNGRGIVYGDIAGAPSGLEHHHHHH
;
_entity_poly.pdbx_strand_id   A
#
loop_
_chem_comp.id
_chem_comp.type
_chem_comp.name
_chem_comp.formula
ACT non-polymer 'ACETATE ION' 'C2 H3 O2 -1'
EDO non-polymer 1,2-ETHANEDIOL 'C2 H6 O2'
FMT non-polymer 'FORMIC ACID' 'C H2 O2'
GOL non-polymer GLYCEROL 'C3 H8 O3'
K non-polymer 'POTASSIUM ION' 'K 1'
NA non-polymer 'SODIUM ION' 'Na 1'
#
# COMPACT_ATOMS: atom_id res chain seq x y z
N THR A 3 32.65 -4.40 2.47
CA THR A 3 32.81 -3.67 1.20
C THR A 3 31.51 -3.03 0.80
N THR A 4 31.59 -1.79 0.35
CA THR A 4 30.39 -1.03 -0.01
C THR A 4 30.70 -0.34 -1.30
N GLN A 5 29.64 0.10 -1.97
CA GLN A 5 29.82 0.84 -3.20
C GLN A 5 28.75 1.92 -3.22
N PRO A 6 29.17 3.14 -3.47
CA PRO A 6 28.08 4.10 -3.55
C PRO A 6 27.12 3.94 -4.72
N TYR A 7 25.84 4.06 -4.40
CA TYR A 7 24.79 3.95 -5.37
C TYR A 7 23.82 5.14 -5.28
N THR A 8 23.10 5.35 -6.37
CA THR A 8 21.98 6.25 -6.39
CA THR A 8 21.97 6.24 -6.31
C THR A 8 20.72 5.41 -6.51
N TRP A 9 19.75 5.67 -5.65
CA TRP A 9 18.49 4.95 -5.64
C TRP A 9 17.31 5.89 -6.02
N SER A 10 16.41 5.39 -6.88
CA SER A 10 15.23 6.14 -7.31
C SER A 10 14.03 5.22 -7.35
N ASN A 11 12.83 5.77 -7.45
CA ASN A 11 11.64 4.97 -7.75
C ASN A 11 11.44 4.98 -9.27
N VAL A 12 11.08 3.83 -9.83
CA VAL A 12 10.45 3.74 -11.12
C VAL A 12 9.18 4.61 -11.11
N ALA A 13 8.98 5.44 -12.11
CA ALA A 13 7.85 6.36 -12.07
C ALA A 13 6.52 5.69 -12.32
N ILE A 14 5.66 5.68 -11.31
CA ILE A 14 4.29 5.16 -11.44
C ILE A 14 3.32 6.25 -10.86
N GLY A 15 3.50 6.56 -9.59
CA GLY A 15 2.75 7.64 -8.94
C GLY A 15 1.56 7.10 -8.20
N GLY A 16 1.64 7.11 -6.84
CA GLY A 16 0.64 6.55 -5.96
C GLY A 16 0.49 5.05 -6.27
N GLY A 17 -0.76 4.64 -6.52
CA GLY A 17 -1.10 3.26 -6.80
C GLY A 17 -1.62 2.48 -5.64
N GLY A 18 -1.75 3.12 -4.47
CA GLY A 18 -2.23 2.45 -3.26
C GLY A 18 -3.21 3.31 -2.42
N PHE A 19 -3.49 2.83 -1.22
CA PHE A 19 -4.44 3.52 -0.34
C PHE A 19 -3.72 4.54 0.52
N VAL A 20 -4.06 5.81 0.38
CA VAL A 20 -3.61 6.91 1.22
C VAL A 20 -4.75 7.16 2.20
N ASP A 21 -4.51 6.73 3.45
CA ASP A 21 -5.61 6.56 4.44
C ASP A 21 -5.57 7.55 5.62
N GLY A 22 -4.72 8.57 5.56
CA GLY A 22 -4.82 9.72 6.41
C GLY A 22 -4.04 10.92 5.92
N ILE A 23 -4.54 12.10 6.19
CA ILE A 23 -3.92 13.35 5.68
C ILE A 23 -3.91 14.31 6.88
N VAL A 24 -2.76 14.84 7.28
CA VAL A 24 -2.65 15.67 8.46
C VAL A 24 -1.88 16.94 8.12
N PHE A 25 -2.60 18.03 8.17
CA PHE A 25 -1.96 19.36 8.16
C PHE A 25 -1.60 19.76 9.59
N ASN A 26 -0.44 20.38 9.79
CA ASN A 26 -0.19 21.09 11.04
C ASN A 26 -1.14 22.31 11.16
N GLU A 27 -1.79 22.47 12.32
CA GLU A 27 -2.77 23.55 12.49
C GLU A 27 -2.11 24.81 13.07
N GLY A 28 -0.84 24.67 13.38
CA GLY A 28 -0.10 25.73 14.00
C GLY A 28 0.64 26.70 13.12
N ALA A 29 0.97 26.28 11.88
CA ALA A 29 1.68 27.16 10.96
C ALA A 29 1.42 26.63 9.59
N PRO A 30 1.41 27.49 8.60
CA PRO A 30 1.14 27.06 7.23
C PRO A 30 2.21 26.23 6.58
N GLY A 31 1.78 25.39 5.65
CA GLY A 31 2.69 24.74 4.74
C GLY A 31 3.34 23.43 5.26
N ILE A 32 2.75 22.83 6.30
CA ILE A 32 3.30 21.66 6.91
C ILE A 32 2.20 20.57 6.80
N LEU A 33 2.48 19.59 5.93
CA LEU A 33 1.47 18.60 5.53
C LEU A 33 2.15 17.19 5.43
N TYR A 34 1.49 16.21 6.03
CA TYR A 34 1.90 14.80 6.05
C TYR A 34 0.77 13.93 5.60
N VAL A 35 1.11 12.81 4.98
CA VAL A 35 0.16 11.74 4.77
C VAL A 35 0.66 10.40 5.25
N ARG A 36 -0.29 9.55 5.60
CA ARG A 36 -0.03 8.17 5.95
C ARG A 36 -0.60 7.20 4.90
N THR A 37 -0.02 6.02 4.86
CA THR A 37 -0.48 4.87 4.05
C THR A 37 -0.55 3.66 4.96
N ASP A 38 -1.16 2.62 4.47
CA ASP A 38 -1.37 1.38 5.21
C ASP A 38 -0.18 0.47 5.18
N ILE A 39 0.56 0.46 4.06
CA ILE A 39 1.76 -0.40 3.93
C ILE A 39 3.01 0.27 3.47
N GLY A 40 2.97 1.57 3.21
CA GLY A 40 4.06 2.28 2.54
C GLY A 40 4.57 3.56 3.20
N GLY A 41 4.62 3.53 4.54
CA GLY A 41 5.22 4.63 5.34
C GLY A 41 4.44 5.88 5.27
N MET A 42 5.13 6.98 5.43
CA MET A 42 4.46 8.28 5.44
C MET A 42 5.33 9.27 4.75
N TYR A 43 4.73 10.42 4.39
CA TYR A 43 5.42 11.37 3.62
C TYR A 43 5.21 12.76 4.14
N ARG A 44 6.16 13.66 3.86
CA ARG A 44 5.95 15.09 4.05
C ARG A 44 5.95 15.85 2.72
N TRP A 45 5.04 16.79 2.56
CA TRP A 45 4.97 17.61 1.33
C TRP A 45 6.11 18.65 1.30
N ASP A 46 6.95 18.58 0.26
CA ASP A 46 7.98 19.57 -0.04
C ASP A 46 7.43 20.56 -1.14
N ALA A 47 6.96 21.73 -0.72
CA ALA A 47 6.29 22.66 -1.62
C ALA A 47 7.22 23.32 -2.61
N ALA A 48 8.44 23.61 -2.18
CA ALA A 48 9.47 24.20 -3.05
C ALA A 48 9.76 23.31 -4.27
N ASN A 49 9.83 22.01 -4.06
CA ASN A 49 10.15 21.07 -5.15
C ASN A 49 8.96 20.34 -5.68
N GLY A 50 7.78 20.62 -5.15
CA GLY A 50 6.61 20.05 -5.64
C GLY A 50 6.60 18.51 -5.56
N ARG A 51 6.99 17.94 -4.40
CA ARG A 51 7.02 16.52 -4.22
C ARG A 51 6.84 16.10 -2.78
N TRP A 52 6.37 14.87 -2.63
CA TRP A 52 6.30 14.22 -1.33
C TRP A 52 7.70 13.62 -1.06
N ILE A 53 8.11 13.70 0.18
CA ILE A 53 9.37 13.12 0.68
C ILE A 53 9.01 11.97 1.60
N PRO A 54 9.53 10.74 1.33
CA PRO A 54 9.19 9.59 2.21
C PRO A 54 10.04 9.69 3.45
N LEU A 55 9.45 9.38 4.59
CA LEU A 55 10.05 9.55 5.89
C LEU A 55 10.51 8.33 6.65
N LEU A 56 10.06 7.16 6.20
CA LEU A 56 10.35 5.88 6.88
C LEU A 56 11.16 4.87 6.07
N ASP A 57 11.93 5.33 5.09
CA ASP A 57 12.66 4.35 4.20
C ASP A 57 13.83 3.70 4.90
N TRP A 58 14.16 4.22 6.08
CA TRP A 58 15.13 3.61 7.02
C TRP A 58 14.60 2.36 7.71
N VAL A 59 13.31 2.18 7.66
CA VAL A 59 12.70 0.97 8.15
C VAL A 59 13.14 -0.17 7.30
N GLY A 60 13.56 -1.24 7.91
CA GLY A 60 14.10 -2.41 7.15
C GLY A 60 13.44 -3.71 7.47
N TRP A 61 14.12 -4.85 7.21
CA TRP A 61 13.52 -6.19 7.40
C TRP A 61 13.30 -6.53 8.86
N ASN A 62 14.15 -6.02 9.75
CA ASN A 62 14.05 -6.35 11.19
C ASN A 62 12.79 -5.72 11.85
N ASN A 63 12.35 -4.58 11.33
CA ASN A 63 11.20 -3.82 11.93
C ASN A 63 10.19 -3.41 10.82
N TRP A 64 9.96 -4.32 9.85
CA TRP A 64 9.25 -3.99 8.62
C TRP A 64 7.79 -3.51 8.85
N GLY A 65 7.14 -3.96 9.92
CA GLY A 65 5.81 -3.50 10.27
C GLY A 65 5.66 -1.99 10.48
N TYR A 66 6.80 -1.29 10.69
CA TYR A 66 6.82 0.14 10.97
C TYR A 66 6.45 0.97 9.74
N ASN A 67 6.40 0.34 8.55
CA ASN A 67 5.83 1.04 7.38
C ASN A 67 4.28 1.00 7.40
N GLY A 68 3.71 0.27 8.36
CA GLY A 68 2.27 0.37 8.53
C GLY A 68 1.98 1.57 9.41
N VAL A 69 1.42 2.65 8.84
CA VAL A 69 1.30 3.90 9.61
C VAL A 69 -0.16 4.06 10.09
N VAL A 70 -0.36 3.80 11.38
CA VAL A 70 -1.66 3.88 12.03
C VAL A 70 -2.23 5.27 12.23
N SER A 71 -1.38 6.20 12.59
CA SER A 71 -1.82 7.56 12.90
C SER A 71 -0.63 8.51 12.83
N ILE A 72 -0.93 9.76 12.56
CA ILE A 72 0.06 10.86 12.55
C ILE A 72 -0.51 11.99 13.38
N ALA A 73 0.31 12.61 14.29
CA ALA A 73 -0.04 13.85 14.94
C ALA A 73 1.05 14.87 14.72
N ALA A 74 0.62 16.10 14.45
CA ALA A 74 1.53 17.18 14.19
C ALA A 74 1.39 18.26 15.25
N ASP A 75 2.50 18.75 15.76
CA ASP A 75 2.53 19.60 16.95
C ASP A 75 2.28 21.03 16.50
N PRO A 76 1.20 21.65 17.04
CA PRO A 76 0.92 22.98 16.60
C PRO A 76 1.69 24.11 17.36
N ILE A 77 2.28 23.77 18.48
CA ILE A 77 3.03 24.73 19.33
C ILE A 77 4.47 24.83 18.85
N ASN A 78 5.06 23.67 18.57
CA ASN A 78 6.42 23.56 18.02
C ASN A 78 6.31 22.76 16.73
N THR A 79 6.18 23.48 15.65
CA THR A 79 5.74 22.88 14.36
C THR A 79 6.81 22.01 13.66
N ASN A 80 8.01 21.97 14.24
N ASN A 80 8.02 21.96 14.22
CA ASN A 80 9.07 21.06 13.85
CA ASN A 80 9.02 21.01 13.80
C ASN A 80 8.77 19.63 14.32
C ASN A 80 8.75 19.61 14.31
N LYS A 81 7.82 19.49 15.26
CA LYS A 81 7.53 18.18 15.86
C LYS A 81 6.41 17.43 15.19
N VAL A 82 6.56 16.08 15.09
CA VAL A 82 5.56 15.20 14.46
C VAL A 82 5.77 13.83 15.10
N TRP A 83 4.66 13.13 15.26
CA TRP A 83 4.69 11.76 15.74
C TRP A 83 3.91 10.84 14.81
N ALA A 84 4.25 9.57 14.94
CA ALA A 84 3.53 8.56 14.20
C ALA A 84 3.36 7.30 15.03
N ALA A 85 2.18 6.70 14.99
CA ALA A 85 1.98 5.33 15.52
C ALA A 85 2.11 4.34 14.37
N VAL A 86 2.89 3.27 14.61
CA VAL A 86 3.31 2.36 13.53
C VAL A 86 3.27 0.90 14.01
N GLY A 87 3.11 0.03 13.04
CA GLY A 87 2.97 -1.43 13.27
C GLY A 87 1.93 -1.88 12.29
N MET A 88 2.07 -3.09 11.74
CA MET A 88 1.23 -3.44 10.58
CA MET A 88 1.27 -3.50 10.56
C MET A 88 0.07 -4.36 10.83
N TYR A 89 0.23 -5.47 11.60
CA TYR A 89 -0.91 -6.31 11.84
C TYR A 89 -0.89 -6.69 13.34
N THR A 90 -2.04 -7.07 13.87
CA THR A 90 -2.15 -7.50 15.27
C THR A 90 -2.23 -8.97 15.43
N ASN A 91 -2.28 -9.71 14.29
CA ASN A 91 -2.21 -11.17 14.31
C ASN A 91 -0.80 -11.66 14.07
N SER A 92 -0.64 -12.95 13.79
CA SER A 92 0.72 -13.55 13.62
C SER A 92 1.49 -12.98 12.41
N TRP A 93 0.81 -12.24 11.56
CA TRP A 93 1.44 -11.83 10.35
C TRP A 93 2.52 -10.76 10.52
N ASP A 94 2.47 -10.04 11.61
CA ASP A 94 3.53 -9.08 11.98
C ASP A 94 4.11 -9.63 13.26
N PRO A 95 5.36 -10.05 13.21
CA PRO A 95 5.95 -10.62 14.41
C PRO A 95 6.35 -9.60 15.48
N ASN A 96 6.25 -8.31 15.19
CA ASN A 96 6.73 -7.30 16.05
C ASN A 96 5.63 -6.47 16.66
N ASP A 97 5.89 -5.96 17.84
CA ASP A 97 4.95 -5.00 18.46
C ASP A 97 4.97 -3.64 17.65
N GLY A 98 3.98 -2.82 17.84
CA GLY A 98 4.09 -1.44 17.30
C GLY A 98 4.90 -0.52 18.12
N ALA A 99 4.95 0.75 17.68
CA ALA A 99 5.70 1.78 18.32
C ALA A 99 5.15 3.15 18.04
N ILE A 100 5.43 4.07 18.97
CA ILE A 100 5.28 5.47 18.71
C ILE A 100 6.64 6.07 18.29
N LEU A 101 6.68 6.73 17.11
CA LEU A 101 7.84 7.38 16.65
C LEU A 101 7.72 8.87 16.90
N ARG A 102 8.81 9.53 17.32
CA ARG A 102 8.78 10.98 17.51
C ARG A 102 9.90 11.64 16.72
N SER A 103 9.62 12.83 16.18
CA SER A 103 10.64 13.58 15.53
C SER A 103 10.53 15.08 15.89
N SER A 104 11.70 15.73 15.88
CA SER A 104 11.79 17.18 16.11
CA SER A 104 11.76 17.18 16.10
C SER A 104 12.30 17.90 14.85
N ASP A 105 12.32 17.17 13.72
CA ASP A 105 12.72 17.78 12.41
C ASP A 105 11.79 17.37 11.26
N GLN A 106 10.50 17.26 11.58
CA GLN A 106 9.44 16.97 10.59
C GLN A 106 9.70 15.63 9.85
N GLY A 107 10.29 14.70 10.59
CA GLY A 107 10.42 13.30 10.19
C GLY A 107 11.64 13.01 9.36
N ALA A 108 12.59 13.94 9.34
CA ALA A 108 13.91 13.65 8.82
C ALA A 108 14.61 12.63 9.68
N THR A 109 14.55 12.81 10.97
CA THR A 109 15.11 11.82 11.91
C THR A 109 14.11 11.49 12.98
N TRP A 110 14.19 10.27 13.56
CA TRP A 110 13.21 9.86 14.59
C TRP A 110 13.81 9.11 15.78
N GLN A 111 13.09 9.10 16.91
CA GLN A 111 13.38 8.23 18.01
C GLN A 111 12.16 7.31 18.15
N ILE A 112 12.42 6.13 18.63
CA ILE A 112 11.44 5.05 18.66
C ILE A 112 11.12 4.62 20.11
N THR A 113 9.84 4.62 20.49
CA THR A 113 9.34 3.97 21.69
C THR A 113 8.41 2.78 21.35
N PRO A 114 8.93 1.54 21.42
CA PRO A 114 8.05 0.42 21.18
C PRO A 114 6.96 0.38 22.21
N LEU A 115 5.81 -0.12 21.83
CA LEU A 115 4.66 -0.30 22.68
C LEU A 115 4.62 -1.75 23.06
N PRO A 116 3.90 -2.06 24.14
CA PRO A 116 3.90 -3.46 24.54
C PRO A 116 2.81 -4.27 23.88
N PHE A 117 2.42 -3.93 22.67
CA PHE A 117 1.32 -4.61 21.95
C PHE A 117 1.46 -4.28 20.49
N LYS A 118 0.84 -5.11 19.66
CA LYS A 118 0.90 -4.88 18.21
C LYS A 118 -0.09 -3.79 17.76
N LEU A 119 0.23 -3.14 16.64
CA LEU A 119 -0.66 -2.17 15.94
C LEU A 119 -1.05 -2.65 14.57
N GLY A 120 -2.08 -1.99 14.03
CA GLY A 120 -2.80 -2.47 12.84
C GLY A 120 -2.83 -1.52 11.65
N GLY A 121 -1.67 -1.09 11.23
CA GLY A 121 -1.52 -0.23 10.08
C GLY A 121 -2.20 -0.75 8.78
N ASN A 122 -2.18 -2.07 8.60
CA ASN A 122 -2.88 -2.66 7.48
C ASN A 122 -4.04 -3.58 7.91
N MET A 123 -4.66 -3.28 9.04
CA MET A 123 -5.86 -4.04 9.44
C MET A 123 -7.22 -3.38 9.04
N PRO A 124 -8.34 -4.16 9.11
CA PRO A 124 -9.64 -3.52 9.09
C PRO A 124 -9.78 -2.36 10.08
N GLY A 125 -10.45 -1.30 9.64
CA GLY A 125 -10.65 -0.10 10.41
C GLY A 125 -9.57 0.97 10.31
N ARG A 126 -8.50 0.74 9.52
CA ARG A 126 -7.35 1.61 9.45
C ARG A 126 -7.65 3.04 8.95
N GLY A 127 -8.74 3.22 8.24
CA GLY A 127 -9.13 4.55 7.74
C GLY A 127 -9.75 5.40 8.81
N MET A 128 -10.08 4.82 9.99
CA MET A 128 -10.61 5.60 11.09
C MET A 128 -9.44 6.34 11.79
N GLY A 129 -9.72 7.54 12.27
CA GLY A 129 -8.69 8.31 12.99
C GLY A 129 -8.92 9.78 12.98
N GLU A 130 -7.93 10.56 13.44
CA GLU A 130 -6.62 10.04 13.90
C GLU A 130 -6.66 9.54 15.32
N ARG A 131 -6.15 8.34 15.52
CA ARG A 131 -5.99 7.71 16.80
C ARG A 131 -5.02 8.42 17.76
N LEU A 132 -4.00 9.02 17.21
CA LEU A 132 -2.97 9.69 17.94
C LEU A 132 -3.27 11.24 17.89
N ALA A 133 -3.13 11.92 19.05
CA ALA A 133 -3.40 13.38 19.13
C ALA A 133 -2.55 14.05 20.14
N VAL A 134 -2.10 15.25 19.78
CA VAL A 134 -1.31 16.11 20.68
C VAL A 134 -2.14 17.23 21.26
N ASP A 135 -1.98 17.51 22.54
CA ASP A 135 -2.77 18.58 23.19
C ASP A 135 -2.36 19.92 22.65
N PRO A 136 -3.27 20.63 22.00
CA PRO A 136 -2.90 21.92 21.41
C PRO A 136 -2.55 23.11 22.38
N ASN A 137 -2.76 22.92 23.66
CA ASN A 137 -2.33 23.80 24.72
C ASN A 137 -1.12 23.34 25.51
N ASN A 138 -0.60 22.15 25.29
CA ASN A 138 0.58 21.68 26.02
C ASN A 138 1.15 20.48 25.30
N ASP A 139 2.23 20.63 24.58
CA ASP A 139 2.72 19.57 23.66
C ASP A 139 3.47 18.46 24.37
N ASN A 140 3.48 18.51 25.70
CA ASN A 140 3.97 17.34 26.42
C ASN A 140 2.96 16.23 26.43
N ILE A 141 1.69 16.57 26.19
CA ILE A 141 0.62 15.63 26.43
C ILE A 141 0.06 15.07 25.12
N LEU A 142 0.09 13.74 25.02
CA LEU A 142 -0.48 13.04 23.83
C LEU A 142 -1.36 11.91 24.30
N TYR A 143 -2.40 11.62 23.53
CA TYR A 143 -3.26 10.43 23.77
C TYR A 143 -3.20 9.58 22.51
N PHE A 144 -3.39 8.29 22.70
CA PHE A 144 -3.45 7.35 21.58
C PHE A 144 -4.56 6.35 21.79
N GLY A 145 -5.50 6.26 20.85
CA GLY A 145 -6.50 5.20 20.88
C GLY A 145 -6.00 3.90 20.25
N ALA A 146 -5.93 2.85 21.10
CA ALA A 146 -5.34 1.57 20.73
C ALA A 146 -6.37 0.54 20.29
N PRO A 147 -5.94 -0.44 19.50
CA PRO A 147 -6.81 -1.50 19.06
C PRO A 147 -6.78 -2.62 20.07
N SER A 148 -7.56 -3.67 19.81
CA SER A 148 -7.32 -5.01 20.39
C SER A 148 -7.75 -5.12 21.85
N GLY A 149 -8.49 -4.10 22.33
CA GLY A 149 -8.90 -3.99 23.73
C GLY A 149 -7.87 -3.39 24.66
N LYS A 150 -6.81 -2.83 24.09
CA LYS A 150 -5.75 -2.11 24.87
C LYS A 150 -6.17 -0.74 25.36
N GLY A 151 -7.28 -0.25 24.85
CA GLY A 151 -7.90 0.96 25.34
C GLY A 151 -7.23 2.26 24.95
N LEU A 152 -7.22 3.19 25.87
CA LEU A 152 -6.65 4.53 25.60
C LEU A 152 -5.32 4.68 26.33
N TRP A 153 -4.26 5.14 25.62
CA TRP A 153 -2.95 5.38 26.17
C TRP A 153 -2.59 6.87 26.23
N ARG A 154 -1.72 7.26 27.16
CA ARG A 154 -1.28 8.66 27.25
C ARG A 154 0.24 8.80 27.47
N SER A 155 0.82 9.89 26.96
CA SER A 155 2.19 10.31 27.28
C SER A 155 2.12 11.71 27.86
N THR A 156 2.90 11.95 28.92
CA THR A 156 2.99 13.26 29.44
C THR A 156 4.39 13.80 29.27
N ASP A 157 5.18 13.15 28.43
CA ASP A 157 6.58 13.58 28.19
C ASP A 157 6.84 13.71 26.71
N SER A 158 5.85 14.26 26.02
CA SER A 158 5.93 14.53 24.60
C SER A 158 6.25 13.29 23.77
N GLY A 159 5.66 12.19 24.18
CA GLY A 159 5.68 10.94 23.41
C GLY A 159 6.81 9.97 23.62
N ALA A 160 7.76 10.31 24.52
CA ALA A 160 8.87 9.47 24.82
C ALA A 160 8.45 8.21 25.57
N THR A 161 7.52 8.37 26.54
CA THR A 161 7.01 7.19 27.27
C THR A 161 5.49 7.22 27.31
N TRP A 162 4.88 6.02 27.41
CA TRP A 162 3.42 5.81 27.27
C TRP A 162 2.94 4.87 28.37
N SER A 163 1.77 5.13 28.93
CA SER A 163 1.05 4.12 29.69
C SER A 163 -0.44 4.27 29.59
N GLN A 164 -1.08 3.21 30.00
CA GLN A 164 -2.53 3.08 29.77
C GLN A 164 -3.28 3.99 30.70
N MET A 165 -4.36 4.58 30.22
CA MET A 165 -5.35 5.30 31.02
C MET A 165 -6.36 4.26 31.54
N THR A 166 -6.09 3.73 32.73
CA THR A 166 -6.82 2.56 33.20
C THR A 166 -8.19 2.96 33.68
N ASN A 167 -8.45 4.28 33.81
CA ASN A 167 -9.79 4.72 34.12
C ASN A 167 -10.70 4.83 32.92
N PHE A 168 -10.23 4.49 31.69
CA PHE A 168 -11.08 4.80 30.52
C PHE A 168 -12.13 3.70 30.40
N PRO A 169 -13.39 4.04 30.22
CA PRO A 169 -14.38 3.02 30.50
C PRO A 169 -14.72 2.07 29.40
N ASP A 170 -14.26 2.26 28.17
CA ASP A 170 -14.70 1.37 27.08
C ASP A 170 -13.59 1.16 26.07
N VAL A 171 -13.06 -0.07 26.01
CA VAL A 171 -11.92 -0.37 25.11
C VAL A 171 -12.35 -0.68 23.68
N GLY A 172 -13.66 -0.64 23.46
CA GLY A 172 -14.29 -0.95 22.17
C GLY A 172 -14.88 -2.38 22.19
N THR A 173 -15.95 -2.55 21.41
CA THR A 173 -16.69 -3.85 21.34
C THR A 173 -16.77 -4.39 19.92
N TYR A 174 -16.72 -3.51 18.91
CA TYR A 174 -16.89 -3.87 17.51
C TYR A 174 -15.73 -4.69 16.94
N ILE A 175 -16.15 -5.78 16.32
CA ILE A 175 -15.32 -6.72 15.62
C ILE A 175 -15.95 -7.02 14.29
N ALA A 176 -15.25 -6.88 13.20
CA ALA A 176 -15.83 -7.07 11.87
C ALA A 176 -16.31 -8.54 11.67
N ASN A 177 -15.45 -9.52 11.97
CA ASN A 177 -15.89 -10.92 11.84
C ASN A 177 -15.18 -11.77 12.87
N PRO A 178 -15.80 -11.94 14.05
CA PRO A 178 -15.27 -12.70 15.19
C PRO A 178 -14.93 -14.17 14.89
N THR A 179 -15.42 -14.71 13.79
CA THR A 179 -15.15 -16.13 13.47
C THR A 179 -13.91 -16.33 12.63
N ASP A 180 -13.25 -15.25 12.18
CA ASP A 180 -12.05 -15.39 11.36
C ASP A 180 -10.88 -15.92 12.15
N THR A 181 -10.50 -17.17 11.89
CA THR A 181 -9.45 -17.76 12.72
C THR A 181 -8.06 -17.29 12.33
N THR A 182 -7.89 -16.53 11.22
CA THR A 182 -6.55 -15.94 10.94
C THR A 182 -6.24 -14.75 11.81
N GLY A 183 -7.23 -14.21 12.52
CA GLY A 183 -7.00 -13.02 13.33
C GLY A 183 -7.10 -11.74 12.51
N TYR A 184 -7.31 -11.83 11.20
CA TYR A 184 -7.33 -10.61 10.39
C TYR A 184 -8.60 -9.75 10.59
N GLN A 185 -9.78 -10.38 10.62
CA GLN A 185 -11.06 -9.69 10.78
C GLN A 185 -11.64 -9.72 12.18
N SER A 186 -10.99 -10.48 13.08
CA SER A 186 -11.57 -10.84 14.32
C SER A 186 -11.01 -10.03 15.48
N ASP A 187 -10.33 -8.90 15.19
CA ASP A 187 -9.78 -8.10 16.27
C ASP A 187 -10.73 -6.98 16.62
N ILE A 188 -10.81 -6.70 17.94
CA ILE A 188 -11.42 -5.48 18.43
C ILE A 188 -10.74 -4.28 17.72
N GLN A 189 -11.51 -3.45 17.13
CA GLN A 189 -10.96 -2.26 16.39
C GLN A 189 -10.53 -1.11 17.37
N GLY A 190 -11.30 -1.00 18.42
CA GLY A 190 -10.83 -0.35 19.65
C GLY A 190 -11.24 1.12 19.75
N VAL A 191 -10.31 1.90 20.24
CA VAL A 191 -10.45 3.32 20.46
C VAL A 191 -9.90 4.05 19.25
N VAL A 192 -10.74 4.83 18.55
CA VAL A 192 -10.44 5.18 17.17
C VAL A 192 -10.04 6.63 16.88
N TRP A 193 -10.29 7.57 17.81
CA TRP A 193 -9.80 8.96 17.61
C TRP A 193 -9.92 9.71 18.92
N VAL A 194 -9.08 10.74 19.02
CA VAL A 194 -9.07 11.67 20.14
C VAL A 194 -9.15 13.10 19.55
N ALA A 195 -10.07 13.89 20.11
CA ALA A 195 -10.27 15.26 19.71
C ALA A 195 -10.28 16.12 21.02
N PHE A 196 -9.29 17.01 21.09
CA PHE A 196 -9.23 18.05 22.07
C PHE A 196 -10.15 19.27 21.81
N ASP A 197 -10.63 19.86 22.90
CA ASP A 197 -11.27 21.17 22.93
C ASP A 197 -10.21 22.17 23.39
N LYS A 198 -9.60 22.79 22.39
CA LYS A 198 -8.55 23.74 22.61
C LYS A 198 -9.10 24.92 23.49
N SER A 199 -10.39 25.28 23.38
CA SER A 199 -10.93 26.37 24.21
C SER A 199 -10.97 26.04 25.67
N SER A 200 -10.79 24.76 26.05
CA SER A 200 -11.11 24.33 27.39
C SER A 200 -9.89 24.64 28.32
N SER A 201 -8.78 25.14 27.77
CA SER A 201 -7.63 25.60 28.58
CA SER A 201 -7.64 25.60 28.61
C SER A 201 -6.95 26.73 27.90
N SER A 202 -5.99 27.34 28.59
CA SER A 202 -5.04 28.34 27.98
C SER A 202 -3.70 27.66 27.70
N LEU A 203 -2.96 28.16 26.74
CA LEU A 203 -1.61 27.64 26.49
C LEU A 203 -0.74 27.58 27.74
N GLY A 204 -0.10 26.43 27.95
CA GLY A 204 0.76 26.16 29.08
C GLY A 204 0.14 25.27 30.13
N GLN A 205 -1.16 25.02 29.93
CA GLN A 205 -1.95 24.14 30.80
C GLN A 205 -2.69 23.07 29.98
N ALA A 206 -2.72 21.82 30.45
CA ALA A 206 -3.39 20.70 29.74
C ALA A 206 -4.84 21.11 29.42
N SER A 207 -5.31 20.79 28.18
CA SER A 207 -6.67 20.91 27.81
C SER A 207 -7.55 20.02 28.71
N LYS A 208 -8.62 20.57 29.24
CA LYS A 208 -9.41 19.84 30.23
C LYS A 208 -10.50 19.01 29.58
N THR A 209 -11.05 19.49 28.48
CA THR A 209 -12.13 18.78 27.81
C THR A 209 -11.50 18.00 26.65
N ILE A 210 -11.70 16.68 26.66
CA ILE A 210 -11.17 15.71 25.72
C ILE A 210 -12.30 14.76 25.28
N PHE A 211 -12.54 14.69 23.98
CA PHE A 211 -13.44 13.67 23.40
C PHE A 211 -12.67 12.48 22.85
N VAL A 212 -13.28 11.29 22.97
CA VAL A 212 -12.68 10.07 22.53
C VAL A 212 -13.74 9.23 21.83
N GLY A 213 -13.46 8.93 20.57
CA GLY A 213 -14.25 8.04 19.77
C GLY A 213 -13.90 6.58 19.99
N VAL A 214 -14.93 5.77 20.14
CA VAL A 214 -14.77 4.38 20.42
C VAL A 214 -15.59 3.56 19.45
N ALA A 215 -14.97 2.46 18.94
CA ALA A 215 -15.68 1.56 18.09
C ALA A 215 -16.57 0.62 18.90
N ASP A 216 -17.70 1.20 19.32
CA ASP A 216 -18.77 0.56 20.14
C ASP A 216 -20.02 1.32 19.68
N PRO A 217 -20.90 0.67 18.92
CA PRO A 217 -22.07 1.35 18.37
C PRO A 217 -23.04 1.80 19.44
N ASN A 218 -22.99 1.20 20.60
CA ASN A 218 -23.85 1.59 21.69
C ASN A 218 -23.26 2.76 22.53
N ASN A 219 -21.98 3.12 22.34
CA ASN A 219 -21.28 4.14 23.17
C ASN A 219 -20.12 4.69 22.33
N PRO A 220 -20.41 5.46 21.30
CA PRO A 220 -19.37 5.82 20.31
C PRO A 220 -18.49 6.98 20.76
N VAL A 221 -18.91 7.75 21.75
CA VAL A 221 -18.15 8.97 22.18
C VAL A 221 -18.12 9.12 23.67
N PHE A 222 -16.91 9.22 24.20
CA PHE A 222 -16.66 9.58 25.64
C PHE A 222 -16.04 10.96 25.76
N TRP A 223 -16.17 11.57 26.96
CA TRP A 223 -15.46 12.78 27.24
C TRP A 223 -14.99 12.87 28.65
N SER A 224 -14.00 13.73 28.79
CA SER A 224 -13.54 14.18 30.11
C SER A 224 -13.64 15.70 30.07
N ARG A 225 -13.90 16.27 31.25
CA ARG A 225 -13.84 17.74 31.48
CA ARG A 225 -13.81 17.73 31.43
C ARG A 225 -12.78 18.13 32.48
N ASP A 226 -12.06 17.15 32.96
CA ASP A 226 -11.05 17.42 33.98
C ASP A 226 -9.66 16.93 33.56
N GLY A 227 -9.41 16.89 32.24
CA GLY A 227 -8.07 16.59 31.78
C GLY A 227 -7.71 15.16 31.89
N GLY A 228 -8.73 14.29 31.89
CA GLY A 228 -8.56 12.85 31.87
C GLY A 228 -8.67 12.18 33.23
N ALA A 229 -9.00 12.93 34.26
CA ALA A 229 -9.02 12.32 35.59
C ALA A 229 -10.25 11.45 35.74
N THR A 230 -11.30 11.90 35.07
CA THR A 230 -12.57 11.15 34.98
C THR A 230 -13.14 11.18 33.56
N TRP A 231 -13.85 10.09 33.20
CA TRP A 231 -14.50 9.93 31.91
C TRP A 231 -15.97 9.59 32.03
N GLN A 232 -16.79 10.08 31.11
CA GLN A 232 -18.25 9.67 30.98
C GLN A 232 -18.59 9.52 29.51
N ALA A 233 -19.51 8.62 29.18
CA ALA A 233 -20.18 8.73 27.84
C ALA A 233 -20.83 10.09 27.70
N VAL A 234 -20.69 10.72 26.53
CA VAL A 234 -21.30 11.96 26.29
C VAL A 234 -22.83 11.66 26.29
N PRO A 235 -23.57 12.31 27.19
CA PRO A 235 -25.03 11.95 27.26
C PRO A 235 -25.75 12.15 25.95
N GLY A 236 -26.64 11.22 25.61
CA GLY A 236 -27.42 11.29 24.38
C GLY A 236 -26.71 10.98 23.02
N ALA A 237 -25.49 10.46 23.08
CA ALA A 237 -24.75 10.09 21.88
C ALA A 237 -25.60 9.13 21.04
N PRO A 238 -25.64 9.33 19.72
CA PRO A 238 -26.42 8.44 18.84
C PRO A 238 -25.85 7.01 18.82
N THR A 239 -26.74 6.00 18.71
CA THR A 239 -26.35 4.65 18.67
C THR A 239 -26.58 3.98 17.34
N GLY A 240 -25.89 2.86 17.16
CA GLY A 240 -26.04 1.96 16.00
C GLY A 240 -24.85 1.97 15.01
N PHE A 241 -23.96 2.92 15.18
CA PHE A 241 -22.84 3.16 14.22
C PHE A 241 -21.48 3.44 14.90
N ILE A 242 -20.44 3.10 14.14
CA ILE A 242 -19.03 3.26 14.57
C ILE A 242 -18.53 4.67 14.03
N PRO A 243 -17.94 5.54 14.90
CA PRO A 243 -17.51 6.89 14.42
C PRO A 243 -16.12 6.83 13.81
N HIS A 244 -16.11 6.89 12.48
CA HIS A 244 -14.85 7.00 11.75
C HIS A 244 -14.01 8.22 12.09
N LYS A 245 -14.69 9.34 12.40
CA LYS A 245 -14.06 10.62 12.45
C LYS A 245 -14.76 11.48 13.57
N GLY A 246 -13.94 12.23 14.26
CA GLY A 246 -14.40 13.22 15.22
C GLY A 246 -13.55 14.46 15.12
N VAL A 247 -14.19 15.59 14.88
CA VAL A 247 -13.43 16.80 14.85
CA VAL A 247 -13.52 16.86 14.67
C VAL A 247 -14.14 17.91 15.63
N PHE A 248 -13.36 18.56 16.48
CA PHE A 248 -13.90 19.63 17.34
C PHE A 248 -13.68 21.02 16.72
N ASP A 249 -14.70 21.84 16.86
CA ASP A 249 -14.61 23.25 16.54
C ASP A 249 -14.65 24.11 17.79
N PRO A 250 -13.50 24.65 18.16
CA PRO A 250 -13.48 25.37 19.44
C PRO A 250 -13.91 26.84 19.29
N VAL A 251 -14.23 27.25 18.08
CA VAL A 251 -14.73 28.61 17.84
C VAL A 251 -16.23 28.63 18.14
N ASN A 252 -16.97 27.64 17.64
CA ASN A 252 -18.41 27.50 17.90
C ASN A 252 -18.80 26.48 18.95
N HIS A 253 -17.80 25.79 19.49
CA HIS A 253 -17.92 24.88 20.63
C HIS A 253 -18.80 23.73 20.27
N VAL A 254 -18.50 23.12 19.12
CA VAL A 254 -19.21 21.92 18.74
C VAL A 254 -18.29 20.80 18.30
N LEU A 255 -18.72 19.56 18.60
CA LEU A 255 -18.10 18.36 18.02
C LEU A 255 -18.87 17.84 16.83
N TYR A 256 -18.14 17.50 15.76
CA TYR A 256 -18.71 16.79 14.62
C TYR A 256 -18.18 15.35 14.57
N ILE A 257 -19.05 14.39 14.31
CA ILE A 257 -18.65 13.00 14.10
C ILE A 257 -19.34 12.49 12.82
N ALA A 258 -18.66 11.53 12.20
CA ALA A 258 -19.13 10.87 10.98
C ALA A 258 -19.06 9.41 11.26
N THR A 259 -20.14 8.71 11.00
CA THR A 259 -20.29 7.32 11.43
C THR A 259 -20.68 6.37 10.27
N SER A 260 -20.49 5.06 10.49
CA SER A 260 -20.81 4.02 9.51
C SER A 260 -21.12 2.73 10.25
N ASN A 261 -21.79 1.82 9.55
CA ASN A 261 -22.12 0.54 10.20
C ASN A 261 -20.98 -0.45 10.24
N THR A 262 -19.89 -0.19 9.56
CA THR A 262 -18.67 -1.01 9.62
C THR A 262 -17.47 -0.14 9.93
N GLY A 263 -16.31 -0.75 10.22
CA GLY A 263 -15.06 0.01 10.39
C GLY A 263 -14.33 0.45 9.16
N GLY A 264 -14.81 -0.02 7.98
CA GLY A 264 -14.16 0.21 6.74
C GLY A 264 -12.80 -0.55 6.65
N PRO A 265 -12.02 -0.29 5.57
CA PRO A 265 -12.22 0.73 4.55
C PRO A 265 -12.97 0.30 3.27
N TYR A 266 -13.34 -0.97 3.15
CA TYR A 266 -13.90 -1.45 1.87
C TYR A 266 -15.42 -1.46 1.78
N ASP A 267 -16.08 -1.11 2.87
CA ASP A 267 -17.52 -1.23 2.99
C ASP A 267 -18.04 -0.11 3.87
N GLY A 268 -19.31 -0.20 4.16
CA GLY A 268 -20.07 0.85 4.80
C GLY A 268 -21.35 1.11 4.00
N SER A 269 -22.51 0.69 4.56
CA SER A 269 -23.80 0.74 3.87
C SER A 269 -24.89 1.59 4.54
N SER A 270 -24.55 2.15 5.69
CA SER A 270 -25.41 3.11 6.34
CA SER A 270 -25.43 3.00 6.44
C SER A 270 -24.60 3.88 7.41
N GLY A 271 -25.12 5.05 7.80
CA GLY A 271 -24.46 5.83 8.80
C GLY A 271 -24.99 7.25 8.82
N ASP A 272 -24.33 8.12 9.60
CA ASP A 272 -24.89 9.46 9.87
C ASP A 272 -23.77 10.46 10.09
N VAL A 273 -24.11 11.75 10.00
CA VAL A 273 -23.22 12.80 10.48
C VAL A 273 -23.97 13.52 11.60
N TRP A 274 -23.30 13.72 12.75
CA TRP A 274 -23.92 14.41 13.88
C TRP A 274 -23.04 15.59 14.40
N LYS A 275 -23.68 16.54 15.11
CA LYS A 275 -22.99 17.61 15.81
C LYS A 275 -23.50 17.64 17.24
N PHE A 276 -22.58 17.85 18.16
CA PHE A 276 -22.86 17.94 19.56
C PHE A 276 -22.48 19.31 20.05
N SER A 277 -23.43 19.99 20.67
CA SER A 277 -23.17 21.32 21.24
C SER A 277 -22.73 21.19 22.71
N VAL A 278 -21.52 21.61 23.06
CA VAL A 278 -21.04 21.54 24.43
C VAL A 278 -21.94 22.33 25.40
N THR A 279 -22.29 23.50 24.99
CA THR A 279 -23.04 24.46 25.78
CA THR A 279 -23.00 24.40 25.85
C THR A 279 -24.46 23.97 26.11
N SER A 280 -25.14 23.43 25.13
CA SER A 280 -26.53 22.97 25.42
C SER A 280 -26.63 21.50 25.74
N GLY A 281 -25.62 20.70 25.40
CA GLY A 281 -25.75 19.25 25.46
C GLY A 281 -26.56 18.58 24.38
N THR A 282 -26.90 19.33 23.34
CA THR A 282 -27.82 18.89 22.34
C THR A 282 -27.05 18.22 21.20
N TRP A 283 -27.46 16.99 20.85
CA TRP A 283 -27.05 16.36 19.62
C TRP A 283 -28.01 16.75 18.48
N THR A 284 -27.46 17.19 17.35
CA THR A 284 -28.22 17.48 16.12
C THR A 284 -27.77 16.59 14.94
N ARG A 285 -28.69 15.85 14.33
CA ARG A 285 -28.36 15.02 13.20
C ARG A 285 -28.22 15.91 11.98
N ILE A 286 -27.10 15.79 11.26
CA ILE A 286 -26.80 16.66 10.13
C ILE A 286 -26.37 15.92 8.90
N SER A 287 -26.75 14.67 8.84
CA SER A 287 -26.42 13.77 7.72
C SER A 287 -26.99 14.34 6.38
N PRO A 288 -26.17 14.46 5.35
CA PRO A 288 -26.75 14.78 4.04
C PRO A 288 -27.86 13.84 3.60
N VAL A 289 -27.68 12.54 3.83
CA VAL A 289 -28.72 11.54 3.61
C VAL A 289 -28.76 10.69 4.91
N PRO A 290 -29.84 10.83 5.70
CA PRO A 290 -29.78 10.20 7.00
C PRO A 290 -29.97 8.68 6.94
N SER A 291 -29.43 7.97 7.89
CA SER A 291 -29.61 6.51 7.88
C SER A 291 -31.12 6.04 7.94
N THR A 292 -31.92 6.88 8.54
CA THR A 292 -33.40 6.64 8.64
C THR A 292 -34.07 6.69 7.24
N ASP A 293 -33.40 7.28 6.26
CA ASP A 293 -33.84 7.21 4.85
C ASP A 293 -33.26 5.97 4.18
N THR A 294 -33.87 4.81 4.49
CA THR A 294 -33.19 3.57 4.26
C THR A 294 -33.07 3.30 2.78
N ALA A 295 -34.05 3.79 2.01
CA ALA A 295 -34.01 3.72 0.53
C ALA A 295 -32.85 4.38 -0.10
N ASN A 296 -32.45 5.52 0.41
CA ASN A 296 -31.45 6.31 -0.27
C ASN A 296 -30.10 6.29 0.40
N ASP A 297 -30.04 6.05 1.70
CA ASP A 297 -28.74 5.97 2.35
C ASP A 297 -28.14 4.56 2.14
N TYR A 298 -27.26 4.40 1.15
CA TYR A 298 -26.58 3.13 0.94
C TYR A 298 -25.13 3.23 1.42
N PHE A 299 -24.77 4.22 2.23
CA PHE A 299 -23.34 4.41 2.58
C PHE A 299 -23.25 4.92 4.00
N GLY A 300 -22.11 4.68 4.68
CA GLY A 300 -21.78 5.45 5.90
C GLY A 300 -21.05 6.68 5.45
N TYR A 301 -20.36 7.32 6.42
CA TYR A 301 -19.69 8.59 6.21
C TYR A 301 -18.27 8.56 6.76
N SER A 302 -17.39 9.24 6.08
CA SER A 302 -16.09 9.47 6.62
C SER A 302 -15.47 10.66 5.91
N GLY A 303 -14.15 10.79 5.97
CA GLY A 303 -13.49 11.97 5.35
C GLY A 303 -14.01 13.30 5.88
N LEU A 304 -14.44 13.28 7.13
CA LEU A 304 -14.84 14.48 7.81
C LEU A 304 -13.73 15.53 8.01
N THR A 305 -13.96 16.76 7.56
CA THR A 305 -13.01 17.88 7.72
C THR A 305 -13.75 19.22 7.89
N ILE A 306 -13.17 20.10 8.71
CA ILE A 306 -13.64 21.46 8.92
C ILE A 306 -12.66 22.44 8.23
N ASP A 307 -13.18 23.51 7.64
CA ASP A 307 -12.40 24.61 7.08
C ASP A 307 -12.03 25.53 8.26
N ARG A 308 -10.80 25.46 8.75
CA ARG A 308 -10.47 26.22 10.00
C ARG A 308 -10.52 27.73 9.80
N GLN A 309 -10.35 28.23 8.59
CA GLN A 309 -10.46 29.68 8.31
C GLN A 309 -11.93 30.08 8.34
N HIS A 310 -12.83 29.16 7.94
CA HIS A 310 -14.29 29.39 8.01
C HIS A 310 -15.02 28.21 8.55
N PRO A 311 -15.08 28.06 9.89
CA PRO A 311 -15.48 26.81 10.52
C PRO A 311 -16.93 26.46 10.47
N ASN A 312 -17.79 27.34 9.96
CA ASN A 312 -19.10 26.88 9.44
C ASN A 312 -19.08 25.99 8.23
N THR A 313 -17.94 25.96 7.55
CA THR A 313 -17.70 25.05 6.42
C THR A 313 -17.12 23.72 6.82
N ILE A 314 -17.85 22.68 6.45
CA ILE A 314 -17.46 21.31 6.69
C ILE A 314 -17.71 20.45 5.45
N MET A 315 -16.93 19.34 5.32
CA MET A 315 -17.09 18.37 4.25
C MET A 315 -17.07 16.94 4.77
N VAL A 316 -17.69 16.07 4.01
CA VAL A 316 -17.75 14.66 4.32
C VAL A 316 -17.84 13.85 3.01
N ALA A 317 -17.42 12.57 3.03
CA ALA A 317 -17.49 11.74 1.84
C ALA A 317 -18.27 10.44 2.19
N THR A 318 -18.90 9.84 1.19
CA THR A 318 -19.45 8.54 1.33
C THR A 318 -18.41 7.43 1.63
N GLN A 319 -18.74 6.62 2.66
CA GLN A 319 -17.94 5.49 3.06
C GLN A 319 -18.98 4.35 3.18
N ILE A 320 -19.30 3.70 2.08
CA ILE A 320 -18.64 3.83 0.78
C ILE A 320 -19.74 3.76 -0.32
N SER A 321 -19.52 4.52 -1.38
CA SER A 321 -20.30 4.46 -2.63
C SER A 321 -19.41 3.98 -3.77
N TRP A 322 -19.66 2.73 -4.18
CA TRP A 322 -18.96 2.11 -5.32
C TRP A 322 -19.51 2.51 -6.68
N TRP A 323 -20.78 2.89 -6.77
CA TRP A 323 -21.45 3.14 -8.02
C TRP A 323 -22.38 4.36 -7.89
N PRO A 324 -22.36 5.23 -8.87
CA PRO A 324 -21.53 5.26 -10.05
C PRO A 324 -20.13 5.78 -9.71
N ASP A 325 -20.02 6.40 -8.55
CA ASP A 325 -18.77 7.04 -8.04
C ASP A 325 -18.96 7.38 -6.57
N THR A 326 -17.88 7.79 -5.91
CA THR A 326 -17.98 8.33 -4.58
C THR A 326 -18.80 9.64 -4.58
N ILE A 327 -19.36 10.01 -3.44
CA ILE A 327 -19.92 11.39 -3.39
C ILE A 327 -19.21 12.14 -2.30
N ILE A 328 -18.83 13.39 -2.55
CA ILE A 328 -18.23 14.31 -1.58
C ILE A 328 -19.27 15.43 -1.43
N PHE A 329 -19.63 15.72 -0.17
CA PHE A 329 -20.63 16.70 0.24
C PHE A 329 -19.95 17.91 0.95
N ARG A 330 -20.56 19.10 0.84
CA ARG A 330 -20.08 20.34 1.46
C ARG A 330 -21.21 21.13 2.05
N SER A 331 -20.97 21.67 3.26
CA SER A 331 -21.97 22.51 3.95
C SER A 331 -21.23 23.76 4.31
N THR A 332 -21.87 24.92 4.13
CA THR A 332 -21.22 26.17 4.56
C THR A 332 -22.02 26.82 5.73
N ASP A 333 -22.93 26.04 6.33
CA ASP A 333 -23.72 26.48 7.49
C ASP A 333 -23.77 25.46 8.60
N GLY A 334 -22.67 24.78 8.88
CA GLY A 334 -22.64 23.97 10.06
C GLY A 334 -23.42 22.67 9.93
N GLY A 335 -23.70 22.22 8.71
CA GLY A 335 -24.46 21.03 8.52
C GLY A 335 -25.96 21.18 8.27
N ALA A 336 -26.46 22.42 8.32
CA ALA A 336 -27.89 22.70 8.19
C ALA A 336 -28.29 22.35 6.75
N THR A 337 -27.49 22.73 5.79
CA THR A 337 -27.75 22.30 4.41
C THR A 337 -26.45 21.85 3.72
N TRP A 338 -26.62 21.00 2.70
CA TRP A 338 -25.51 20.43 1.94
C TRP A 338 -25.71 20.54 0.45
N THR A 339 -24.59 20.63 -0.25
CA THR A 339 -24.54 20.38 -1.65
C THR A 339 -23.50 19.27 -1.96
N ARG A 340 -23.54 18.80 -3.19
CA ARG A 340 -22.75 17.63 -3.56
C ARG A 340 -21.90 17.88 -4.77
N ILE A 341 -20.86 17.04 -4.92
CA ILE A 341 -19.89 17.22 -5.99
C ILE A 341 -20.42 16.79 -7.39
N TRP A 342 -21.43 15.94 -7.43
CA TRP A 342 -22.18 15.63 -8.66
C TRP A 342 -23.61 15.35 -8.27
N ASP A 343 -24.52 15.56 -9.20
CA ASP A 343 -25.93 15.26 -8.99
C ASP A 343 -26.51 14.56 -10.22
N TRP A 344 -27.56 13.77 -10.02
CA TRP A 344 -28.32 13.28 -11.14
C TRP A 344 -29.07 14.43 -11.75
N THR A 345 -29.13 14.45 -13.08
CA THR A 345 -30.04 15.39 -13.80
C THR A 345 -31.24 14.55 -14.25
N SER A 346 -31.16 13.90 -15.41
CA SER A 346 -32.03 12.74 -15.67
C SER A 346 -31.25 11.54 -16.20
N TYR A 347 -31.54 10.40 -15.63
CA TYR A 347 -30.68 9.22 -15.76
C TYR A 347 -30.30 8.75 -17.21
N PRO A 348 -29.03 8.38 -17.47
CA PRO A 348 -27.84 8.21 -16.67
C PRO A 348 -26.99 9.46 -16.59
N ASN A 349 -27.61 10.63 -16.78
CA ASN A 349 -26.88 11.88 -16.88
C ASN A 349 -26.77 12.52 -15.52
N ARG A 350 -25.70 13.29 -15.40
CA ARG A 350 -25.26 13.84 -14.15
C ARG A 350 -24.74 15.23 -14.46
N SER A 351 -24.88 16.14 -13.51
CA SER A 351 -24.13 17.40 -13.53
C SER A 351 -22.96 17.24 -12.57
N LEU A 352 -21.84 17.78 -12.97
CA LEU A 352 -20.58 17.72 -12.16
C LEU A 352 -20.09 19.04 -11.70
N ARG A 353 -19.73 19.12 -10.43
CA ARG A 353 -19.17 20.33 -9.93
C ARG A 353 -17.66 20.33 -10.04
N TYR A 354 -17.04 19.53 -10.93
CA TYR A 354 -15.60 19.42 -10.96
C TYR A 354 -15.09 19.14 -12.32
N VAL A 355 -13.78 19.28 -12.51
CA VAL A 355 -13.10 18.80 -13.70
C VAL A 355 -11.92 18.04 -13.21
N LEU A 356 -11.78 16.81 -13.67
CA LEU A 356 -10.72 15.93 -13.22
C LEU A 356 -9.69 15.71 -14.29
N ASP A 357 -8.45 16.09 -14.00
CA ASP A 357 -7.32 16.00 -14.94
C ASP A 357 -6.32 15.00 -14.39
N ILE A 358 -6.17 13.89 -15.11
CA ILE A 358 -5.13 12.89 -14.79
C ILE A 358 -3.97 12.84 -15.80
N SER A 359 -3.63 14.01 -16.41
CA SER A 359 -2.56 14.09 -17.40
CA SER A 359 -2.60 13.97 -17.43
C SER A 359 -1.24 13.51 -16.95
N ALA A 360 -0.92 13.77 -15.69
CA ALA A 360 0.31 13.25 -15.11
C ALA A 360 0.30 11.78 -14.75
N GLU A 361 -0.91 11.19 -14.61
CA GLU A 361 -1.14 9.82 -14.13
C GLU A 361 -2.14 9.16 -15.06
N PRO A 362 -1.88 9.15 -16.37
CA PRO A 362 -2.98 8.77 -17.34
C PRO A 362 -3.56 7.33 -17.16
N TRP A 363 -2.79 6.51 -16.50
CA TRP A 363 -3.20 5.12 -16.30
C TRP A 363 -4.41 4.98 -15.35
N LEU A 364 -4.77 6.07 -14.67
CA LEU A 364 -5.90 6.04 -13.73
C LEU A 364 -7.30 5.78 -14.33
N THR A 365 -7.41 5.65 -15.66
CA THR A 365 -8.63 5.10 -16.27
C THR A 365 -8.76 3.61 -16.02
N PHE A 366 -7.70 3.01 -15.49
CA PHE A 366 -7.65 1.53 -15.31
C PHE A 366 -8.03 0.72 -16.54
N GLY A 367 -7.66 1.24 -17.69
CA GLY A 367 -7.84 0.52 -18.92
C GLY A 367 -9.27 0.46 -19.39
N VAL A 368 -10.17 1.30 -18.89
CA VAL A 368 -11.58 1.24 -19.18
C VAL A 368 -12.10 2.59 -19.61
N GLN A 369 -12.95 2.62 -20.65
CA GLN A 369 -13.62 3.83 -21.08
C GLN A 369 -14.75 4.24 -20.16
N PRO A 370 -15.03 5.55 -20.10
CA PRO A 370 -16.22 6.03 -19.44
C PRO A 370 -17.43 5.35 -20.00
N ASN A 371 -18.41 5.08 -19.16
CA ASN A 371 -19.57 4.29 -19.54
C ASN A 371 -20.79 4.79 -18.77
N PRO A 372 -21.35 5.94 -19.19
CA PRO A 372 -22.30 6.77 -18.43
C PRO A 372 -23.41 5.93 -17.89
N PRO A 373 -23.75 6.09 -16.57
CA PRO A 373 -23.29 7.10 -15.64
C PRO A 373 -21.90 6.93 -14.99
N VAL A 374 -21.13 5.91 -15.35
CA VAL A 374 -19.82 5.63 -14.67
C VAL A 374 -18.75 6.34 -15.40
N PRO A 375 -18.01 7.22 -14.69
CA PRO A 375 -16.85 7.89 -15.22
C PRO A 375 -15.60 7.04 -15.28
N SER A 376 -14.64 7.47 -16.08
CA SER A 376 -13.26 6.94 -16.05
C SER A 376 -12.34 8.00 -16.51
N PRO A 377 -11.47 8.51 -15.60
CA PRO A 377 -11.25 8.06 -14.20
C PRO A 377 -12.40 8.40 -13.32
N LYS A 378 -12.47 7.72 -12.17
CA LYS A 378 -13.46 8.10 -11.14
C LYS A 378 -12.93 9.12 -10.17
N LEU A 379 -13.84 9.87 -9.56
CA LEU A 379 -13.47 10.72 -8.41
C LEU A 379 -12.77 9.95 -7.33
N GLY A 380 -13.31 8.77 -7.03
CA GLY A 380 -12.62 7.91 -6.10
C GLY A 380 -13.47 6.82 -5.44
N TRP A 381 -12.91 6.25 -4.39
CA TRP A 381 -13.46 5.19 -3.56
C TRP A 381 -12.48 5.06 -2.37
N MET A 382 -12.95 4.55 -1.25
CA MET A 382 -12.20 4.41 0.01
C MET A 382 -11.64 5.79 0.43
N ASP A 383 -12.53 6.77 0.41
CA ASP A 383 -12.14 8.15 0.69
C ASP A 383 -12.29 8.47 2.19
N GLU A 384 -11.61 7.68 3.04
CA GLU A 384 -11.71 7.84 4.46
C GLU A 384 -10.98 9.11 4.85
N ALA A 385 -9.94 9.46 4.09
CA ALA A 385 -9.14 10.65 4.39
C ALA A 385 -9.49 11.82 3.47
N MET A 386 -9.79 12.95 4.07
CA MET A 386 -10.00 14.20 3.33
C MET A 386 -9.74 15.32 4.34
N ALA A 387 -9.15 16.38 3.83
CA ALA A 387 -8.71 17.48 4.74
C ALA A 387 -8.55 18.76 3.96
N ILE A 388 -9.26 19.75 4.44
CA ILE A 388 -9.07 21.13 4.00
C ILE A 388 -7.90 21.77 4.74
N ASP A 389 -7.07 22.47 3.97
CA ASP A 389 -5.91 23.10 4.52
C ASP A 389 -6.37 24.13 5.57
N PRO A 390 -5.83 24.08 6.80
CA PRO A 390 -6.32 25.03 7.82
C PRO A 390 -5.83 26.46 7.64
N PHE A 391 -4.99 26.68 6.64
CA PHE A 391 -4.57 28.04 6.25
C PHE A 391 -4.96 28.47 4.88
N ASN A 392 -5.78 27.68 4.20
CA ASN A 392 -6.18 28.06 2.86
C ASN A 392 -7.42 27.29 2.45
N SER A 393 -8.57 27.94 2.54
CA SER A 393 -9.86 27.35 2.22
C SER A 393 -9.97 26.78 0.84
N ASP A 394 -9.10 27.22 -0.11
CA ASP A 394 -9.15 26.70 -1.47
C ASP A 394 -8.41 25.34 -1.69
N ARG A 395 -7.57 24.94 -0.73
CA ARG A 395 -6.75 23.75 -0.89
C ARG A 395 -7.34 22.60 -0.07
N MET A 396 -7.62 21.50 -0.74
CA MET A 396 -8.15 20.29 -0.10
C MET A 396 -7.57 19.05 -0.78
N LEU A 397 -7.30 18.00 0.02
CA LEU A 397 -6.83 16.73 -0.45
C LEU A 397 -7.78 15.66 0.02
N TYR A 398 -7.87 14.60 -0.80
CA TYR A 398 -8.62 13.41 -0.42
C TYR A 398 -7.96 12.19 -0.99
N GLY A 399 -7.89 11.16 -0.16
CA GLY A 399 -7.26 9.90 -0.63
C GLY A 399 -8.29 8.97 -1.22
N THR A 400 -7.79 8.06 -2.02
CA THR A 400 -8.60 6.98 -2.54
C THR A 400 -7.81 5.68 -2.33
N GLY A 401 -8.38 4.60 -2.83
CA GLY A 401 -7.72 3.32 -2.80
C GLY A 401 -6.53 3.17 -3.75
N ALA A 402 -6.33 4.13 -4.63
CA ALA A 402 -5.31 4.07 -5.68
C ALA A 402 -4.46 5.32 -5.83
N THR A 403 -4.88 6.42 -5.21
CA THR A 403 -4.16 7.72 -5.44
C THR A 403 -4.51 8.73 -4.39
N LEU A 404 -3.91 9.92 -4.52
CA LEU A 404 -4.20 11.05 -3.67
C LEU A 404 -4.59 12.18 -4.61
N TYR A 405 -5.78 12.74 -4.42
CA TYR A 405 -6.28 13.86 -5.26
C TYR A 405 -6.27 15.15 -4.50
N ALA A 406 -6.10 16.25 -5.20
CA ALA A 406 -6.14 17.55 -4.61
C ALA A 406 -6.77 18.58 -5.55
N THR A 407 -7.27 19.63 -4.92
CA THR A 407 -7.71 20.82 -5.55
C THR A 407 -7.11 22.02 -4.84
N ASN A 408 -6.86 23.08 -5.64
CA ASN A 408 -6.38 24.35 -5.16
C ASN A 408 -7.41 25.46 -5.48
N ASP A 409 -8.62 25.12 -5.93
CA ASP A 409 -9.68 26.11 -6.12
C ASP A 409 -10.99 25.72 -5.51
N LEU A 410 -10.94 25.15 -4.31
CA LEU A 410 -12.13 24.61 -3.69
C LEU A 410 -13.30 25.60 -3.55
N THR A 411 -13.03 26.86 -3.20
CA THR A 411 -14.11 27.75 -2.95
C THR A 411 -14.88 28.12 -4.22
N LYS A 412 -14.40 27.75 -5.41
CA LYS A 412 -15.26 27.88 -6.59
C LYS A 412 -16.53 27.09 -6.46
N TRP A 413 -16.52 26.01 -5.68
CA TRP A 413 -17.72 25.27 -5.46
C TRP A 413 -18.85 26.21 -4.97
N ASP A 414 -18.56 27.14 -4.08
CA ASP A 414 -19.61 27.86 -3.35
C ASP A 414 -20.18 28.93 -4.28
N SER A 415 -19.45 29.25 -5.32
CA SER A 415 -19.88 30.30 -6.22
C SER A 415 -20.43 29.73 -7.51
N GLY A 416 -20.72 28.44 -7.47
CA GLY A 416 -21.45 27.84 -8.56
C GLY A 416 -20.58 27.43 -9.69
N GLY A 417 -19.27 27.42 -9.50
CA GLY A 417 -18.35 26.96 -10.54
C GLY A 417 -17.95 25.51 -10.36
N GLN A 418 -16.96 25.08 -11.15
CA GLN A 418 -16.39 23.77 -11.05
C GLN A 418 -15.02 23.86 -10.44
N ILE A 419 -14.73 22.94 -9.52
CA ILE A 419 -13.42 22.93 -8.93
C ILE A 419 -12.56 22.01 -9.83
N HIS A 420 -11.26 22.23 -9.73
CA HIS A 420 -10.27 21.48 -10.58
C HIS A 420 -9.54 20.52 -9.69
N ILE A 421 -9.63 19.23 -10.00
CA ILE A 421 -9.05 18.18 -9.20
C ILE A 421 -8.00 17.39 -10.02
N ALA A 422 -6.90 17.04 -9.41
CA ALA A 422 -5.79 16.33 -10.15
C ALA A 422 -5.04 15.50 -9.10
N PRO A 423 -4.41 14.42 -9.50
CA PRO A 423 -3.49 13.70 -8.62
C PRO A 423 -2.40 14.61 -8.06
N MET A 424 -2.05 14.36 -6.81
CA MET A 424 -0.99 15.02 -6.13
C MET A 424 -0.11 13.94 -5.53
N VAL A 425 0.66 13.28 -6.40
CA VAL A 425 1.39 12.07 -6.01
C VAL A 425 2.87 12.10 -6.48
N LYS A 426 3.37 13.26 -6.93
CA LYS A 426 4.80 13.29 -7.25
C LYS A 426 5.66 12.96 -6.06
N GLY A 427 6.55 11.98 -6.24
CA GLY A 427 7.35 11.44 -5.16
C GLY A 427 6.70 10.36 -4.29
N LEU A 428 5.39 10.12 -4.44
CA LEU A 428 4.64 9.19 -3.62
C LEU A 428 4.50 7.92 -4.46
N GLU A 429 5.11 6.83 -4.02
CA GLU A 429 5.06 5.58 -4.75
C GLU A 429 4.69 4.53 -3.74
N GLU A 430 3.52 3.90 -3.97
CA GLU A 430 2.87 3.05 -2.95
C GLU A 430 2.45 1.67 -3.47
N THR A 431 2.95 1.29 -4.63
CA THR A 431 2.61 -0.02 -5.17
C THR A 431 3.33 -1.14 -4.43
N ALA A 432 2.68 -2.32 -4.49
CA ALA A 432 3.22 -3.58 -4.02
C ALA A 432 3.60 -4.44 -5.19
N VAL A 433 4.83 -4.91 -5.20
CA VAL A 433 5.43 -5.50 -6.45
C VAL A 433 5.52 -7.02 -6.29
N ASN A 434 4.92 -7.77 -7.21
CA ASN A 434 5.02 -9.21 -7.21
C ASN A 434 6.08 -9.82 -8.11
N ASP A 435 6.33 -9.20 -9.23
CA ASP A 435 7.30 -9.72 -10.15
C ASP A 435 7.78 -8.57 -11.10
N LEU A 436 8.98 -8.81 -11.63
CA LEU A 436 9.70 -7.89 -12.51
C LEU A 436 10.56 -8.67 -13.55
N ILE A 437 10.60 -8.21 -14.80
CA ILE A 437 11.58 -8.68 -15.82
C ILE A 437 12.24 -7.44 -16.52
N SER A 438 13.52 -7.58 -16.87
CA SER A 438 14.22 -6.66 -17.70
C SER A 438 14.73 -7.37 -18.94
N PRO A 439 14.00 -7.31 -20.03
CA PRO A 439 14.45 -8.09 -21.16
C PRO A 439 15.66 -7.47 -21.89
N PRO A 440 16.42 -8.29 -22.64
CA PRO A 440 17.65 -7.77 -23.28
C PRO A 440 17.38 -6.94 -24.51
N SER A 441 16.14 -6.80 -24.92
CA SER A 441 15.76 -5.96 -26.04
CA SER A 441 15.79 -5.89 -26.01
C SER A 441 14.36 -5.47 -25.75
N GLY A 442 13.96 -4.31 -26.26
CA GLY A 442 12.64 -3.75 -26.03
C GLY A 442 12.62 -2.87 -24.78
N ALA A 443 11.51 -2.85 -24.04
CA ALA A 443 11.42 -2.05 -22.81
C ALA A 443 12.44 -2.47 -21.78
N PRO A 444 12.90 -1.55 -20.95
CA PRO A 444 13.82 -1.91 -19.85
C PRO A 444 13.16 -2.74 -18.69
N LEU A 445 11.85 -2.67 -18.56
CA LEU A 445 11.21 -3.21 -17.37
C LEU A 445 9.72 -3.45 -17.61
N ILE A 446 9.28 -4.66 -17.19
CA ILE A 446 7.88 -5.02 -17.19
C ILE A 446 7.55 -5.51 -15.77
N SER A 447 6.47 -5.00 -15.19
CA SER A 447 6.18 -5.22 -13.77
C SER A 447 4.85 -5.86 -13.59
N ALA A 448 4.74 -6.70 -12.52
CA ALA A 448 3.51 -7.35 -12.11
C ALA A 448 3.18 -6.76 -10.71
N LEU A 449 2.07 -6.04 -10.61
CA LEU A 449 1.74 -5.29 -9.43
C LEU A 449 0.37 -5.59 -8.83
N GLY A 450 0.30 -5.47 -7.50
CA GLY A 450 -0.99 -5.43 -6.84
C GLY A 450 -1.91 -4.38 -7.37
N ASP A 451 -3.19 -4.72 -7.51
CA ASP A 451 -4.32 -3.79 -7.83
C ASP A 451 -4.37 -3.07 -9.17
N LEU A 452 -3.20 -2.82 -9.75
CA LEU A 452 -3.04 -2.18 -11.05
C LEU A 452 -2.74 -3.22 -12.13
N GLY A 453 -2.42 -4.46 -11.77
CA GLY A 453 -2.01 -5.43 -12.74
C GLY A 453 -0.55 -5.34 -13.09
N GLY A 454 -0.18 -4.29 -13.77
CA GLY A 454 1.22 -3.99 -13.97
C GLY A 454 1.41 -3.06 -15.21
N PHE A 455 2.69 -2.90 -15.61
CA PHE A 455 3.03 -2.01 -16.69
C PHE A 455 4.12 -2.64 -17.54
N THR A 456 4.12 -2.25 -18.83
CA THR A 456 5.32 -2.19 -19.65
C THR A 456 5.90 -0.76 -19.56
N HIS A 457 7.10 -0.64 -19.01
CA HIS A 457 7.68 0.65 -18.69
C HIS A 457 8.67 0.97 -19.83
N ALA A 458 8.26 1.84 -20.75
CA ALA A 458 9.17 2.21 -21.84
C ALA A 458 10.35 3.02 -21.32
N ASP A 459 10.16 3.76 -20.21
CA ASP A 459 11.15 4.65 -19.65
C ASP A 459 10.86 4.68 -18.15
N VAL A 460 11.80 4.21 -17.36
CA VAL A 460 11.54 4.12 -15.90
C VAL A 460 11.46 5.47 -15.20
N THR A 461 11.77 6.54 -15.92
CA THR A 461 11.58 7.88 -15.41
C THR A 461 10.27 8.53 -15.80
N ALA A 462 9.44 7.84 -16.59
CA ALA A 462 8.21 8.41 -17.11
C ALA A 462 7.03 7.53 -16.75
N VAL A 463 5.98 8.16 -16.26
CA VAL A 463 4.79 7.41 -15.88
C VAL A 463 4.18 6.69 -17.09
N PRO A 464 3.87 5.39 -16.99
CA PRO A 464 3.27 4.79 -18.20
C PRO A 464 1.88 5.32 -18.55
N SER A 465 1.47 5.13 -19.82
CA SER A 465 0.20 5.67 -20.31
CA SER A 465 0.21 5.68 -20.32
C SER A 465 -0.97 4.84 -19.89
N THR A 466 -0.76 3.55 -19.61
CA THR A 466 -1.81 2.61 -19.36
C THR A 466 -1.25 1.43 -18.56
N ILE A 467 -2.12 0.88 -17.75
CA ILE A 467 -1.88 -0.45 -17.16
C ILE A 467 -1.97 -1.45 -18.28
N PHE A 468 -1.65 -2.69 -17.99
CA PHE A 468 -1.87 -3.72 -18.98
C PHE A 468 -3.35 -3.81 -19.32
N THR A 469 -3.65 -3.95 -20.60
CA THR A 469 -5.03 -4.19 -21.07
C THR A 469 -5.05 -5.44 -22.06
N SER A 470 -6.27 -5.85 -22.37
CA SER A 470 -6.53 -6.97 -23.30
CA SER A 470 -6.60 -6.98 -23.26
C SER A 470 -5.77 -8.24 -22.94
N PRO A 471 -5.87 -8.72 -21.68
CA PRO A 471 -6.77 -8.34 -20.63
C PRO A 471 -6.14 -7.41 -19.55
N VAL A 472 -7.02 -6.69 -18.86
CA VAL A 472 -6.69 -6.03 -17.60
C VAL A 472 -6.64 -7.14 -16.53
N PHE A 473 -5.63 -7.08 -15.67
CA PHE A 473 -5.51 -7.83 -14.46
C PHE A 473 -5.75 -6.88 -13.29
N THR A 474 -6.43 -7.36 -12.25
CA THR A 474 -6.52 -6.69 -10.96
C THR A 474 -5.17 -6.69 -10.31
N THR A 475 -4.58 -7.86 -10.21
CA THR A 475 -3.26 -8.04 -9.64
C THR A 475 -2.43 -8.96 -10.53
N GLY A 476 -1.27 -8.45 -10.95
CA GLY A 476 -0.30 -9.27 -11.68
C GLY A 476 0.58 -10.02 -10.69
N THR A 477 0.78 -11.31 -10.96
CA THR A 477 1.54 -12.20 -10.07
C THR A 477 2.89 -12.67 -10.69
N SER A 478 3.00 -12.72 -12.01
CA SER A 478 4.19 -13.31 -12.62
C SER A 478 4.39 -12.77 -14.03
N VAL A 479 5.61 -12.44 -14.40
CA VAL A 479 5.95 -12.09 -15.77
C VAL A 479 7.22 -12.82 -16.21
N ASP A 480 7.24 -13.19 -17.49
CA ASP A 480 8.42 -13.83 -18.07
C ASP A 480 8.58 -13.48 -19.52
N TYR A 481 9.79 -13.73 -20.03
CA TYR A 481 10.07 -13.54 -21.41
C TYR A 481 10.89 -14.70 -21.93
N ALA A 482 10.79 -14.90 -23.23
CA ALA A 482 11.58 -15.99 -23.90
C ALA A 482 13.01 -15.45 -24.02
N GLU A 483 13.97 -16.03 -23.33
CA GLU A 483 15.30 -15.44 -23.27
C GLU A 483 15.98 -15.25 -24.66
N LEU A 484 15.85 -16.22 -25.56
CA LEU A 484 16.42 -16.13 -26.91
C LEU A 484 15.44 -15.58 -27.94
N ASN A 485 14.20 -15.16 -27.53
CA ASN A 485 13.23 -14.51 -28.43
CA ASN A 485 13.25 -14.47 -28.44
C ASN A 485 12.54 -13.41 -27.64
N PRO A 486 13.29 -12.37 -27.20
CA PRO A 486 12.86 -11.56 -26.06
C PRO A 486 11.69 -10.63 -26.34
N SER A 487 11.17 -10.58 -27.56
CA SER A 487 9.93 -9.87 -27.86
CA SER A 487 9.92 -9.89 -27.86
C SER A 487 8.71 -10.65 -27.34
N ILE A 488 8.89 -11.93 -27.01
CA ILE A 488 7.81 -12.75 -26.55
C ILE A 488 7.74 -12.64 -25.04
N ILE A 489 6.60 -12.17 -24.54
CA ILE A 489 6.39 -11.89 -23.18
C ILE A 489 5.14 -12.68 -22.73
N VAL A 490 5.15 -13.18 -21.50
CA VAL A 490 3.95 -13.82 -20.92
C VAL A 490 3.70 -13.17 -19.55
N ARG A 491 2.46 -13.00 -19.19
CA ARG A 491 2.09 -12.52 -17.85
C ARG A 491 0.93 -13.31 -17.31
N ALA A 492 0.91 -13.54 -15.99
CA ALA A 492 -0.19 -14.16 -15.29
C ALA A 492 -0.68 -13.25 -14.15
N GLY A 493 -1.97 -13.37 -13.84
CA GLY A 493 -2.59 -12.49 -12.87
C GLY A 493 -3.95 -12.92 -12.43
N SER A 494 -4.52 -12.07 -11.60
CA SER A 494 -5.67 -12.38 -10.79
C SER A 494 -6.78 -11.35 -11.14
N PHE A 495 -8.02 -11.85 -11.17
CA PHE A 495 -9.22 -11.02 -11.32
C PHE A 495 -10.44 -11.95 -11.14
N ASP A 496 -11.54 -11.36 -10.69
CA ASP A 496 -12.82 -12.04 -10.64
C ASP A 496 -13.29 -12.44 -12.02
N PRO A 497 -13.40 -13.73 -12.31
CA PRO A 497 -13.85 -14.11 -13.68
C PRO A 497 -15.26 -13.72 -14.08
N SER A 498 -16.12 -13.57 -13.09
CA SER A 498 -17.51 -13.33 -13.35
C SER A 498 -17.66 -11.95 -14.00
N SER A 499 -16.85 -10.98 -13.66
CA SER A 499 -16.97 -9.72 -14.31
C SER A 499 -16.11 -9.55 -15.57
N GLN A 500 -15.23 -10.49 -15.84
CA GLN A 500 -14.42 -10.47 -17.09
C GLN A 500 -14.45 -11.84 -17.76
N PRO A 501 -15.60 -12.33 -18.23
CA PRO A 501 -15.62 -13.70 -18.86
C PRO A 501 -14.85 -13.85 -20.21
N ASN A 502 -14.65 -12.79 -20.95
CA ASN A 502 -13.84 -12.95 -22.16
C ASN A 502 -12.34 -12.97 -21.85
N ASP A 503 -11.94 -12.74 -20.58
CA ASP A 503 -10.52 -12.52 -20.29
C ASP A 503 -9.90 -13.76 -19.64
N ARG A 504 -8.61 -13.91 -19.76
CA ARG A 504 -7.86 -15.00 -19.23
C ARG A 504 -6.84 -14.51 -18.19
N HIS A 505 -6.47 -15.42 -17.31
CA HIS A 505 -5.48 -15.17 -16.23
C HIS A 505 -4.07 -15.35 -16.67
N VAL A 506 -3.88 -15.63 -17.98
CA VAL A 506 -2.53 -15.68 -18.54
C VAL A 506 -2.64 -15.02 -19.90
N ALA A 507 -1.69 -14.19 -20.27
CA ALA A 507 -1.74 -13.45 -21.53
C ALA A 507 -0.36 -13.24 -22.11
N PHE A 508 -0.33 -12.81 -23.37
CA PHE A 508 0.89 -12.84 -24.19
C PHE A 508 1.10 -11.62 -25.02
N SER A 509 2.37 -11.37 -25.34
CA SER A 509 2.75 -10.34 -26.31
C SER A 509 3.85 -10.87 -27.22
N THR A 510 3.84 -10.42 -28.48
CA THR A 510 4.96 -10.72 -29.38
C THR A 510 5.66 -9.44 -29.79
N ASP A 511 5.39 -8.33 -29.09
CA ASP A 511 6.02 -7.04 -29.42
C ASP A 511 6.60 -6.37 -28.21
N GLY A 512 7.09 -7.22 -27.32
CA GLY A 512 7.77 -6.74 -26.13
C GLY A 512 6.88 -6.01 -25.09
N GLY A 513 5.61 -6.37 -25.07
CA GLY A 513 4.70 -5.94 -24.04
C GLY A 513 3.87 -4.69 -24.39
N LYS A 514 3.99 -4.22 -25.62
CA LYS A 514 3.22 -3.07 -26.07
C LYS A 514 1.77 -3.43 -26.33
N ASN A 515 1.54 -4.59 -26.92
CA ASN A 515 0.19 -5.08 -27.09
C ASN A 515 0.10 -6.51 -26.60
N TRP A 516 -1.06 -6.85 -26.07
CA TRP A 516 -1.32 -8.21 -25.54
C TRP A 516 -2.45 -8.92 -26.20
N PHE A 517 -2.51 -10.24 -26.03
CA PHE A 517 -3.56 -11.06 -26.54
C PHE A 517 -3.64 -12.32 -25.65
N GLN A 518 -4.69 -13.10 -25.81
CA GLN A 518 -4.97 -14.20 -24.91
C GLN A 518 -5.68 -15.34 -25.60
N GLY A 519 -5.52 -16.54 -25.09
CA GLY A 519 -6.13 -17.72 -25.71
C GLY A 519 -7.17 -18.23 -24.75
N SER A 520 -6.83 -19.32 -24.06
CA SER A 520 -7.72 -20.07 -23.21
C SER A 520 -7.02 -20.28 -21.86
N GLU A 521 -7.78 -20.87 -20.95
CA GLU A 521 -7.29 -21.29 -19.67
C GLU A 521 -8.13 -22.42 -19.09
N PRO A 522 -7.56 -23.13 -18.11
CA PRO A 522 -8.36 -24.07 -17.33
C PRO A 522 -9.51 -23.44 -16.64
N GLY A 523 -10.55 -24.25 -16.39
CA GLY A 523 -11.73 -23.79 -15.64
C GLY A 523 -11.42 -23.40 -14.22
N GLY A 524 -12.13 -22.39 -13.71
CA GLY A 524 -12.03 -22.06 -12.32
C GLY A 524 -10.83 -21.26 -11.83
N VAL A 525 -10.02 -20.72 -12.71
CA VAL A 525 -8.86 -19.92 -12.31
C VAL A 525 -9.36 -18.48 -11.94
N THR A 526 -8.89 -17.98 -10.79
CA THR A 526 -9.10 -16.62 -10.36
C THR A 526 -7.78 -15.88 -10.00
N THR A 527 -6.73 -16.62 -9.65
CA THR A 527 -5.46 -15.98 -9.30
C THR A 527 -4.30 -16.50 -10.14
N GLY A 528 -3.30 -15.67 -10.31
CA GLY A 528 -2.30 -15.83 -11.38
C GLY A 528 -1.30 -16.94 -11.15
N GLY A 529 -0.78 -17.07 -9.93
CA GLY A 529 0.22 -18.05 -9.70
C GLY A 529 1.56 -17.70 -10.40
N THR A 530 2.34 -18.70 -10.84
CA THR A 530 3.56 -18.48 -11.57
C THR A 530 3.53 -19.11 -12.98
N VAL A 531 4.17 -18.37 -13.90
CA VAL A 531 4.25 -18.76 -15.35
C VAL A 531 5.70 -18.68 -15.82
N ALA A 532 6.09 -19.57 -16.74
CA ALA A 532 7.43 -19.61 -17.30
C ALA A 532 7.41 -19.78 -18.81
N ALA A 533 8.23 -18.97 -19.46
CA ALA A 533 8.35 -18.99 -20.97
C ALA A 533 9.57 -19.78 -21.39
N SER A 534 9.40 -20.71 -22.31
CA SER A 534 10.54 -21.44 -22.88
CA SER A 534 10.54 -21.44 -22.89
C SER A 534 11.53 -20.46 -23.48
N ALA A 535 12.79 -20.85 -23.52
CA ALA A 535 13.82 -19.94 -24.04
C ALA A 535 13.53 -19.44 -25.46
N ASP A 536 12.84 -20.27 -26.28
CA ASP A 536 12.43 -19.88 -27.67
C ASP A 536 11.04 -19.32 -27.85
N GLY A 537 10.24 -19.24 -26.78
CA GLY A 537 8.92 -18.70 -26.79
C GLY A 537 7.87 -19.59 -27.40
N SER A 538 8.25 -20.84 -27.71
CA SER A 538 7.31 -21.78 -28.33
C SER A 538 6.39 -22.53 -27.39
N ARG A 539 6.65 -22.50 -26.08
CA ARG A 539 5.85 -23.18 -25.13
C ARG A 539 5.95 -22.54 -23.76
N PHE A 540 4.95 -22.85 -22.91
CA PHE A 540 4.80 -22.16 -21.57
C PHE A 540 4.33 -23.17 -20.57
N VAL A 541 4.83 -23.07 -19.33
CA VAL A 541 4.37 -23.90 -18.25
C VAL A 541 3.82 -22.93 -17.21
N TRP A 542 2.62 -23.25 -16.72
CA TRP A 542 1.87 -22.32 -15.82
C TRP A 542 1.30 -23.08 -14.65
N ALA A 543 1.54 -22.54 -13.45
CA ALA A 543 0.90 -23.05 -12.20
C ALA A 543 -0.11 -22.05 -11.72
N PRO A 544 -1.37 -22.19 -12.18
CA PRO A 544 -2.36 -21.18 -11.75
C PRO A 544 -2.43 -21.05 -10.23
N GLY A 545 -2.84 -19.90 -9.79
CA GLY A 545 -2.76 -19.52 -8.39
C GLY A 545 -3.70 -20.24 -7.44
N ASP A 546 -4.93 -20.62 -7.88
CA ASP A 546 -5.89 -21.14 -6.93
C ASP A 546 -5.39 -22.46 -6.33
N PRO A 547 -5.62 -22.67 -5.04
CA PRO A 547 -5.07 -23.92 -4.46
C PRO A 547 -5.61 -25.12 -5.13
N GLY A 548 -4.71 -26.06 -5.43
CA GLY A 548 -5.01 -27.29 -6.13
C GLY A 548 -5.16 -27.21 -7.65
N GLN A 549 -5.09 -26.07 -8.30
CA GLN A 549 -5.09 -26.06 -9.79
C GLN A 549 -3.89 -26.86 -10.35
N PRO A 550 -4.12 -27.86 -11.20
CA PRO A 550 -2.97 -28.52 -11.81
C PRO A 550 -2.03 -27.61 -12.58
N VAL A 551 -0.74 -27.91 -12.44
CA VAL A 551 0.25 -27.30 -13.33
C VAL A 551 -0.07 -27.72 -14.78
N VAL A 552 -0.05 -26.75 -15.70
CA VAL A 552 -0.37 -27.02 -17.07
C VAL A 552 0.67 -26.49 -18.05
N TYR A 553 0.73 -27.07 -19.26
CA TYR A 553 1.67 -26.55 -20.29
C TYR A 553 0.88 -26.28 -21.60
N ALA A 554 1.36 -25.33 -22.36
CA ALA A 554 0.78 -25.00 -23.69
C ALA A 554 1.93 -24.93 -24.72
N VAL A 555 1.74 -25.50 -25.90
CA VAL A 555 2.68 -25.34 -27.02
C VAL A 555 2.04 -24.32 -27.91
N GLY A 556 2.32 -23.06 -27.64
CA GLY A 556 1.71 -21.95 -28.28
C GLY A 556 1.30 -20.97 -27.18
N PHE A 557 0.58 -19.94 -27.59
CA PHE A 557 0.24 -18.83 -26.73
C PHE A 557 -1.07 -19.10 -25.98
N GLY A 558 -1.12 -20.17 -25.16
CA GLY A 558 -2.30 -20.44 -24.34
C GLY A 558 -3.46 -20.88 -25.24
N ASN A 559 -3.10 -21.44 -26.37
CA ASN A 559 -4.02 -21.86 -27.45
C ASN A 559 -4.83 -22.98 -26.87
N SER A 560 -4.14 -23.90 -26.20
CA SER A 560 -4.76 -24.84 -25.28
C SER A 560 -3.78 -25.44 -24.27
N TRP A 561 -4.28 -25.86 -23.10
CA TRP A 561 -3.46 -26.20 -21.96
C TRP A 561 -3.70 -27.67 -21.62
N ALA A 562 -2.64 -28.38 -21.27
CA ALA A 562 -2.74 -29.77 -20.84
C ALA A 562 -1.96 -29.90 -19.55
N ALA A 563 -2.34 -30.87 -18.71
CA ALA A 563 -1.71 -31.07 -17.44
C ALA A 563 -0.31 -31.61 -17.62
N SER A 564 0.59 -31.02 -16.84
CA SER A 564 1.93 -31.49 -16.68
C SER A 564 1.94 -32.63 -15.68
N GLN A 565 2.60 -33.69 -16.08
CA GLN A 565 2.71 -34.85 -15.18
C GLN A 565 3.85 -34.72 -14.19
N GLY A 566 3.65 -35.20 -12.96
CA GLY A 566 4.71 -35.34 -12.00
C GLY A 566 5.12 -34.14 -11.18
N VAL A 567 4.38 -33.04 -11.24
CA VAL A 567 4.74 -31.82 -10.52
C VAL A 567 3.46 -31.41 -9.69
N PRO A 568 3.61 -31.08 -8.41
CA PRO A 568 2.49 -30.68 -7.55
C PRO A 568 1.82 -29.39 -7.92
N ALA A 569 0.50 -29.31 -7.74
CA ALA A 569 -0.21 -28.05 -7.88
C ALA A 569 0.49 -26.95 -7.09
N ASN A 570 0.48 -25.76 -7.70
CA ASN A 570 0.95 -24.55 -7.13
C ASN A 570 2.46 -24.52 -6.92
N ALA A 571 3.20 -25.43 -7.55
CA ALA A 571 4.65 -25.37 -7.49
C ALA A 571 5.11 -24.02 -8.12
N GLN A 572 6.24 -23.52 -7.69
CA GLN A 572 6.98 -22.37 -8.37
C GLN A 572 7.70 -22.89 -9.62
N ILE A 573 7.34 -22.35 -10.77
CA ILE A 573 7.79 -22.86 -12.07
C ILE A 573 8.78 -21.87 -12.65
N ARG A 574 9.93 -22.36 -13.12
CA ARG A 574 10.87 -21.48 -13.87
C ARG A 574 11.34 -22.23 -15.14
N SER A 575 11.68 -21.50 -16.16
CA SER A 575 12.26 -22.07 -17.38
C SER A 575 13.77 -21.96 -17.37
N ASP A 576 14.46 -22.89 -18.04
CA ASP A 576 15.86 -22.70 -18.29
C ASP A 576 16.01 -21.56 -19.23
N ARG A 577 17.08 -20.76 -19.14
CA ARG A 577 17.21 -19.56 -20.00
C ARG A 577 17.89 -19.94 -21.36
N VAL A 578 18.37 -21.19 -21.47
CA VAL A 578 19.08 -21.70 -22.67
C VAL A 578 18.33 -22.79 -23.44
N ASN A 579 17.94 -23.86 -22.74
CA ASN A 579 17.39 -25.01 -23.38
C ASN A 579 15.90 -24.87 -23.45
N PRO A 580 15.36 -24.73 -24.66
CA PRO A 580 13.87 -24.52 -24.66
C PRO A 580 12.95 -25.63 -24.21
N LYS A 581 13.49 -26.82 -23.95
CA LYS A 581 12.71 -27.96 -23.49
CA LYS A 581 12.63 -27.89 -23.46
C LYS A 581 12.88 -28.23 -21.97
N THR A 582 13.69 -27.43 -21.27
CA THR A 582 13.93 -27.64 -19.87
C THR A 582 13.23 -26.60 -18.94
N PHE A 583 12.43 -27.14 -18.04
CA PHE A 583 11.65 -26.40 -17.01
C PHE A 583 11.97 -27.03 -15.62
N TYR A 584 11.79 -26.20 -14.58
CA TYR A 584 12.07 -26.52 -13.20
C TYR A 584 10.91 -26.09 -12.34
N ALA A 585 10.73 -26.82 -11.24
CA ALA A 585 9.73 -26.46 -10.24
C ALA A 585 10.27 -26.73 -8.82
N LEU A 586 9.79 -25.94 -7.87
CA LEU A 586 10.04 -26.18 -6.47
C LEU A 586 8.70 -26.17 -5.71
N SER A 587 8.50 -27.22 -4.89
CA SER A 587 7.35 -27.39 -4.03
C SER A 587 7.66 -28.12 -2.71
N ASN A 588 7.41 -27.44 -1.58
CA ASN A 588 7.58 -28.06 -0.27
C ASN A 588 8.88 -28.84 -0.07
N GLY A 589 10.01 -28.25 -0.45
CA GLY A 589 11.30 -28.83 -0.27
C GLY A 589 11.84 -29.77 -1.34
N THR A 590 10.99 -30.10 -2.32
CA THR A 590 11.32 -30.98 -3.43
C THR A 590 11.51 -30.16 -4.72
N PHE A 591 12.59 -30.46 -5.42
CA PHE A 591 12.92 -29.81 -6.68
C PHE A 591 12.67 -30.81 -7.77
N TYR A 592 11.99 -30.32 -8.81
CA TYR A 592 11.65 -31.08 -10.01
C TYR A 592 12.22 -30.53 -11.27
N ARG A 593 12.50 -31.43 -12.25
CA ARG A 593 12.96 -30.96 -13.56
C ARG A 593 12.20 -31.70 -14.67
N SER A 594 11.87 -30.91 -15.72
CA SER A 594 11.34 -31.44 -16.96
C SER A 594 12.38 -31.18 -18.04
N THR A 595 12.63 -32.19 -18.88
CA THR A 595 13.48 -31.99 -20.08
C THR A 595 12.72 -32.30 -21.38
N ASP A 596 11.39 -32.39 -21.31
CA ASP A 596 10.55 -32.59 -22.49
C ASP A 596 9.53 -31.48 -22.70
N GLY A 597 9.89 -30.25 -22.25
CA GLY A 597 9.12 -29.08 -22.45
C GLY A 597 7.90 -28.98 -21.58
N GLY A 598 7.95 -29.55 -20.34
CA GLY A 598 6.89 -29.40 -19.39
C GLY A 598 5.80 -30.51 -19.41
N VAL A 599 5.97 -31.51 -20.27
CA VAL A 599 5.05 -32.61 -20.39
C VAL A 599 5.14 -33.54 -19.15
N THR A 600 6.38 -33.86 -18.77
CA THR A 600 6.67 -34.69 -17.59
C THR A 600 7.79 -34.04 -16.79
N PHE A 601 7.64 -34.15 -15.47
CA PHE A 601 8.62 -33.73 -14.53
C PHE A 601 9.01 -34.92 -13.66
N GLN A 602 10.25 -34.91 -13.12
CA GLN A 602 10.68 -35.89 -12.12
C GLN A 602 11.34 -35.10 -10.95
N PRO A 603 11.23 -35.60 -9.71
CA PRO A 603 11.97 -35.01 -8.60
C PRO A 603 13.41 -35.27 -8.76
N VAL A 604 14.24 -34.26 -8.57
CA VAL A 604 15.68 -34.43 -8.71
C VAL A 604 16.50 -34.06 -7.46
N ALA A 605 15.87 -33.48 -6.48
CA ALA A 605 16.47 -33.19 -5.17
C ALA A 605 15.39 -32.95 -4.16
N ALA A 606 15.71 -33.08 -2.86
CA ALA A 606 14.67 -33.05 -1.85
C ALA A 606 15.24 -32.70 -0.50
N GLY A 607 14.35 -32.35 0.43
CA GLY A 607 14.85 -31.90 1.74
C GLY A 607 15.46 -30.52 1.73
N LEU A 608 15.04 -29.72 0.78
CA LEU A 608 15.56 -28.39 0.54
C LEU A 608 14.86 -27.28 1.31
N PRO A 609 15.40 -26.05 1.24
CA PRO A 609 14.68 -24.98 1.90
C PRO A 609 13.27 -24.77 1.40
N SER A 610 12.38 -24.53 2.36
CA SER A 610 10.98 -24.26 2.10
C SER A 610 10.54 -23.01 2.86
N SER A 611 11.41 -22.45 3.69
CA SER A 611 11.12 -21.27 4.40
C SER A 611 11.95 -20.10 3.91
N GLY A 612 11.28 -18.99 3.54
CA GLY A 612 11.99 -17.77 3.10
C GLY A 612 11.11 -16.55 3.43
N ALA A 613 11.74 -15.40 3.60
CA ALA A 613 11.05 -14.17 3.95
C ALA A 613 9.93 -13.77 2.99
N VAL A 614 10.07 -14.06 1.69
CA VAL A 614 9.02 -13.83 0.66
C VAL A 614 8.63 -15.13 -0.02
N GLY A 615 8.83 -16.25 0.71
CA GLY A 615 8.76 -17.60 0.22
C GLY A 615 10.13 -17.89 -0.39
N VAL A 616 10.48 -19.15 -0.55
CA VAL A 616 11.76 -19.47 -1.15
C VAL A 616 11.66 -19.12 -2.64
N MET A 617 12.62 -18.40 -3.17
CA MET A 617 12.66 -18.00 -4.58
C MET A 617 13.83 -18.68 -5.30
N PHE A 618 13.61 -19.14 -6.52
CA PHE A 618 14.76 -19.56 -7.31
C PHE A 618 14.60 -19.08 -8.73
N HIS A 619 15.75 -18.93 -9.43
CA HIS A 619 15.81 -18.42 -10.74
C HIS A 619 16.96 -18.97 -11.59
N ALA A 620 16.75 -19.11 -12.91
CA ALA A 620 17.79 -19.65 -13.81
C ALA A 620 18.62 -18.48 -14.44
N VAL A 621 19.87 -18.71 -14.73
CA VAL A 621 20.80 -17.68 -15.22
C VAL A 621 20.80 -17.54 -16.78
N PRO A 622 20.60 -16.34 -17.30
CA PRO A 622 20.68 -16.09 -18.73
C PRO A 622 22.02 -16.63 -19.23
N GLY A 623 22.02 -17.39 -20.31
CA GLY A 623 23.27 -17.82 -20.90
C GLY A 623 23.93 -19.05 -20.32
N LYS A 624 23.35 -19.59 -19.24
CA LYS A 624 23.98 -20.70 -18.57
C LYS A 624 23.00 -21.83 -18.30
N GLU A 625 23.05 -22.86 -19.13
CA GLU A 625 22.12 -23.95 -19.06
C GLU A 625 22.29 -24.69 -17.75
N GLY A 626 21.19 -24.97 -17.05
CA GLY A 626 21.30 -25.73 -15.78
C GLY A 626 21.79 -24.97 -14.55
N ASP A 627 21.97 -23.66 -14.69
CA ASP A 627 22.55 -22.80 -13.62
C ASP A 627 21.44 -22.03 -12.87
N LEU A 628 21.23 -22.40 -11.60
CA LEU A 628 20.07 -22.00 -10.80
C LEU A 628 20.61 -21.41 -9.45
N TRP A 629 19.97 -20.34 -9.01
CA TRP A 629 20.23 -19.70 -7.68
C TRP A 629 18.93 -19.71 -6.90
N LEU A 630 19.06 -20.04 -5.61
CA LEU A 630 17.90 -20.21 -4.74
C LEU A 630 18.16 -19.45 -3.44
N ALA A 631 17.21 -18.56 -3.13
CA ALA A 631 17.19 -17.69 -1.99
C ALA A 631 16.27 -18.18 -0.91
N ALA A 632 16.82 -18.39 0.29
CA ALA A 632 15.98 -18.91 1.45
C ALA A 632 16.40 -18.32 2.79
N SER A 633 15.60 -18.53 3.86
CA SER A 633 15.95 -17.98 5.12
C SER A 633 17.28 -18.49 5.69
N SER A 634 17.67 -19.71 5.31
CA SER A 634 18.93 -20.26 5.78
C SER A 634 20.12 -20.04 4.91
N GLY A 635 19.99 -19.42 3.72
CA GLY A 635 21.20 -19.14 2.96
C GLY A 635 20.86 -18.88 1.46
N LEU A 636 21.88 -18.65 0.67
CA LEU A 636 21.77 -18.54 -0.77
C LEU A 636 22.48 -19.75 -1.32
N TYR A 637 21.82 -20.42 -2.28
CA TYR A 637 22.25 -21.72 -2.74
C TYR A 637 22.35 -21.74 -4.27
N HIS A 638 23.27 -22.54 -4.77
CA HIS A 638 23.63 -22.56 -6.20
C HIS A 638 23.78 -23.95 -6.73
N SER A 639 23.16 -24.21 -7.87
CA SER A 639 23.29 -25.47 -8.60
C SER A 639 23.78 -25.15 -9.98
N THR A 640 24.63 -26.07 -10.47
CA THR A 640 25.06 -25.97 -11.83
C THR A 640 24.66 -27.18 -12.67
N ASN A 641 23.81 -28.05 -12.12
CA ASN A 641 23.38 -29.25 -12.79
C ASN A 641 21.87 -29.36 -12.80
N GLY A 642 21.17 -28.25 -13.00
CA GLY A 642 19.68 -28.28 -13.19
C GLY A 642 18.93 -28.70 -11.91
N GLY A 643 19.55 -28.51 -10.75
CA GLY A 643 18.83 -28.74 -9.53
C GLY A 643 19.07 -30.07 -8.84
N SER A 644 19.92 -30.90 -9.42
CA SER A 644 20.16 -32.26 -8.89
C SER A 644 20.98 -32.16 -7.61
N SER A 645 21.82 -31.13 -7.50
CA SER A 645 22.55 -30.85 -6.30
C SER A 645 22.77 -29.31 -6.14
N TRP A 646 22.91 -28.91 -4.88
CA TRP A 646 23.00 -27.52 -4.45
C TRP A 646 24.17 -27.28 -3.47
N SER A 647 24.71 -26.08 -3.51
CA SER A 647 25.79 -25.67 -2.64
CA SER A 647 25.82 -25.64 -2.66
C SER A 647 25.54 -24.28 -2.08
N ALA A 648 25.79 -24.15 -0.80
CA ALA A 648 25.68 -22.86 -0.12
C ALA A 648 26.70 -21.88 -0.60
N ILE A 649 26.31 -20.65 -0.80
CA ILE A 649 27.28 -19.62 -1.15
C ILE A 649 27.88 -19.13 0.16
N THR A 650 29.20 -19.25 0.29
CA THR A 650 29.85 -19.04 1.56
C THR A 650 29.70 -17.56 1.93
N GLY A 651 29.44 -17.30 3.18
CA GLY A 651 29.35 -15.93 3.64
C GLY A 651 27.98 -15.26 3.60
N VAL A 652 27.00 -15.84 2.84
CA VAL A 652 25.65 -15.29 2.84
C VAL A 652 24.84 -16.06 3.84
N SER A 653 24.48 -15.46 4.95
CA SER A 653 23.76 -16.22 5.93
C SER A 653 22.29 -16.42 5.59
N SER A 654 21.72 -15.52 4.77
CA SER A 654 20.24 -15.59 4.51
C SER A 654 20.05 -14.76 3.22
N ALA A 655 19.09 -15.14 2.39
CA ALA A 655 18.77 -14.34 1.25
C ALA A 655 17.27 -14.30 1.08
N VAL A 656 16.75 -13.13 0.80
CA VAL A 656 15.32 -12.94 0.48
C VAL A 656 15.03 -13.30 -1.03
N ASN A 657 15.87 -12.83 -1.95
CA ASN A 657 15.71 -13.09 -3.37
C ASN A 657 17.05 -12.83 -4.09
N VAL A 658 17.17 -13.31 -5.35
CA VAL A 658 18.36 -13.25 -6.21
C VAL A 658 17.91 -13.02 -7.68
N GLY A 659 18.65 -12.17 -8.38
CA GLY A 659 18.52 -11.97 -9.80
C GLY A 659 19.87 -11.55 -10.40
N PHE A 660 19.83 -11.29 -11.71
CA PHE A 660 20.99 -11.21 -12.63
C PHE A 660 20.90 -10.00 -13.49
N GLY A 661 22.08 -9.50 -13.81
CA GLY A 661 22.21 -8.44 -14.77
C GLY A 661 23.55 -8.51 -15.52
N LYS A 662 23.84 -7.43 -16.23
CA LYS A 662 24.93 -7.37 -17.21
C LYS A 662 26.23 -7.64 -16.45
N SER A 663 27.09 -8.41 -17.04
CA SER A 663 28.33 -8.78 -16.42
C SER A 663 29.26 -7.58 -16.28
N ALA A 664 30.14 -7.62 -15.30
CA ALA A 664 31.11 -6.54 -15.16
C ALA A 664 32.07 -6.58 -16.35
N PRO A 665 32.77 -5.47 -16.61
CA PRO A 665 33.92 -5.56 -17.53
C PRO A 665 34.94 -6.58 -17.09
N GLY A 666 35.38 -7.38 -18.03
CA GLY A 666 36.29 -8.45 -17.71
C GLY A 666 35.71 -9.69 -17.04
N SER A 667 34.37 -9.78 -16.92
CA SER A 667 33.76 -11.02 -16.47
C SER A 667 32.89 -11.53 -17.56
N SER A 668 32.83 -12.84 -17.71
CA SER A 668 31.82 -13.40 -18.57
C SER A 668 30.62 -13.97 -17.76
N TYR A 669 30.59 -13.84 -16.44
CA TYR A 669 29.41 -14.32 -15.67
C TYR A 669 28.51 -13.13 -15.38
N PRO A 670 27.16 -13.30 -15.56
CA PRO A 670 26.24 -12.22 -15.17
C PRO A 670 26.53 -11.70 -13.76
N ALA A 671 26.38 -10.43 -13.53
CA ALA A 671 26.37 -9.93 -12.15
C ALA A 671 25.13 -10.49 -11.46
N VAL A 672 25.35 -10.85 -10.20
CA VAL A 672 24.34 -11.42 -9.32
C VAL A 672 23.93 -10.39 -8.25
N PHE A 673 22.62 -10.15 -8.09
CA PHE A 673 22.12 -9.19 -7.10
C PHE A 673 21.23 -9.95 -6.12
N VAL A 674 21.38 -9.62 -4.83
CA VAL A 674 20.52 -10.22 -3.80
CA VAL A 674 20.65 -10.27 -3.75
C VAL A 674 20.06 -9.16 -2.82
N VAL A 675 18.89 -9.38 -2.26
CA VAL A 675 18.55 -8.74 -0.93
C VAL A 675 18.81 -9.90 0.02
N GLY A 676 19.69 -9.70 0.97
CA GLY A 676 20.10 -10.78 1.83
C GLY A 676 20.92 -10.26 2.99
N THR A 677 21.45 -11.18 3.78
CA THR A 677 22.24 -10.89 4.98
C THR A 677 23.67 -11.41 4.80
N ILE A 678 24.60 -10.48 4.95
CA ILE A 678 26.08 -10.75 4.90
C ILE A 678 26.78 -10.01 6.02
N GLY A 679 27.51 -10.77 6.84
CA GLY A 679 28.19 -10.17 8.00
C GLY A 679 27.27 -9.58 9.01
N GLY A 680 26.13 -10.20 9.16
CA GLY A 680 25.08 -9.69 10.01
C GLY A 680 24.31 -8.47 9.57
N VAL A 681 24.52 -8.04 8.33
CA VAL A 681 23.89 -6.85 7.81
C VAL A 681 23.01 -7.23 6.62
N THR A 682 21.72 -6.96 6.73
CA THR A 682 20.72 -7.27 5.73
C THR A 682 20.62 -6.06 4.84
N GLY A 683 20.64 -6.27 3.54
CA GLY A 683 20.54 -5.15 2.56
C GLY A 683 20.62 -5.71 1.15
N ALA A 684 20.93 -4.84 0.22
CA ALA A 684 21.16 -5.20 -1.15
C ALA A 684 22.67 -5.31 -1.42
N TYR A 685 23.04 -6.37 -2.13
CA TYR A 685 24.42 -6.71 -2.48
C TYR A 685 24.59 -7.14 -3.96
N ARG A 686 25.76 -6.88 -4.59
CA ARG A 686 26.03 -7.35 -5.94
C ARG A 686 27.33 -8.11 -5.89
N SER A 687 27.43 -9.17 -6.69
CA SER A 687 28.68 -9.90 -6.86
C SER A 687 28.99 -9.91 -8.35
N ASP A 688 30.23 -9.58 -8.68
CA ASP A 688 30.64 -9.48 -10.09
C ASP A 688 31.48 -10.71 -10.52
N ASP A 689 31.73 -11.64 -9.60
CA ASP A 689 32.66 -12.75 -9.84
C ASP A 689 31.93 -14.05 -9.45
N GLY A 690 30.63 -14.13 -9.75
CA GLY A 690 29.94 -15.40 -9.57
C GLY A 690 29.65 -15.85 -8.16
N GLY A 691 29.54 -14.90 -7.23
CA GLY A 691 29.24 -15.18 -5.83
C GLY A 691 30.45 -15.27 -4.92
N THR A 692 31.67 -15.11 -5.45
CA THR A 692 32.83 -15.14 -4.54
C THR A 692 32.95 -13.98 -3.58
N THR A 693 32.79 -12.77 -4.09
CA THR A 693 32.82 -11.58 -3.29
C THR A 693 31.53 -10.77 -3.53
N TRP A 694 31.21 -9.97 -2.52
CA TRP A 694 29.99 -9.19 -2.50
C TRP A 694 30.27 -7.77 -2.01
N VAL A 695 29.53 -6.84 -2.58
CA VAL A 695 29.61 -5.43 -2.18
C VAL A 695 28.18 -4.96 -1.83
N ARG A 696 28.04 -4.26 -0.70
CA ARG A 696 26.77 -3.62 -0.32
C ARG A 696 26.46 -2.39 -1.19
N ILE A 697 25.26 -2.38 -1.78
CA ILE A 697 24.84 -1.34 -2.74
C ILE A 697 23.73 -0.40 -2.24
N ASN A 698 23.20 -0.68 -1.07
CA ASN A 698 22.34 0.28 -0.38
C ASN A 698 22.96 0.72 0.94
N ASP A 699 22.18 1.42 1.77
CA ASP A 699 22.65 1.89 3.06
C ASP A 699 21.50 1.94 3.99
N ASP A 700 21.74 2.33 5.25
CA ASP A 700 20.70 2.24 6.26
C ASP A 700 19.57 3.23 6.18
N GLN A 701 19.68 4.21 5.27
N GLN A 701 19.66 4.23 5.29
CA GLN A 701 18.61 5.19 5.01
CA GLN A 701 18.55 5.16 5.04
C GLN A 701 17.74 4.72 3.83
C GLN A 701 17.74 4.72 3.83
N HIS A 702 18.23 3.70 3.13
CA HIS A 702 17.59 3.21 1.86
C HIS A 702 17.29 1.71 1.98
N GLN A 703 16.38 1.39 2.90
CA GLN A 703 16.12 0.01 3.18
C GLN A 703 14.73 -0.49 2.64
N TYR A 704 13.67 0.31 2.77
CA TYR A 704 12.36 -0.01 2.17
C TYR A 704 11.67 -1.22 2.77
N GLY A 705 11.98 -1.61 4.01
CA GLY A 705 11.15 -2.58 4.72
C GLY A 705 11.17 -4.00 4.19
N ASN A 706 9.97 -4.57 3.98
CA ASN A 706 9.87 -5.93 3.46
C ASN A 706 10.05 -6.14 1.96
N TRP A 707 11.14 -5.57 1.45
CA TRP A 707 11.41 -5.48 0.00
C TRP A 707 12.10 -6.78 -0.45
N GLY A 708 12.01 -7.04 -1.77
CA GLY A 708 12.65 -8.20 -2.37
C GLY A 708 11.77 -9.26 -2.93
N GLN A 709 10.45 -9.07 -2.91
CA GLN A 709 9.57 -10.01 -3.54
C GLN A 709 9.94 -10.29 -5.00
N ALA A 710 10.48 -9.28 -5.68
CA ALA A 710 10.92 -9.33 -7.07
C ALA A 710 12.29 -8.67 -7.11
N ILE A 711 13.23 -9.15 -7.93
CA ILE A 711 14.54 -8.47 -8.13
C ILE A 711 15.07 -8.87 -9.49
N THR A 712 15.53 -7.95 -10.30
CA THR A 712 16.26 -8.30 -11.50
C THR A 712 17.30 -7.23 -11.76
N GLY A 713 18.45 -7.65 -12.32
CA GLY A 713 19.43 -6.73 -12.91
C GLY A 713 18.96 -6.37 -14.31
N ASP A 714 19.77 -5.60 -15.00
CA ASP A 714 19.42 -5.13 -16.36
C ASP A 714 20.52 -5.66 -17.23
N PRO A 715 20.17 -6.43 -18.26
CA PRO A 715 21.23 -7.02 -19.07
C PRO A 715 21.90 -6.01 -19.97
N ARG A 716 21.32 -4.81 -20.11
CA ARG A 716 21.93 -3.73 -20.92
C ARG A 716 22.66 -2.69 -20.05
N ILE A 717 22.55 -2.74 -18.71
CA ILE A 717 23.22 -1.71 -17.88
C ILE A 717 23.92 -2.29 -16.67
N TYR A 718 25.23 -2.21 -16.70
CA TYR A 718 26.07 -2.83 -15.71
C TYR A 718 25.83 -2.08 -14.43
N GLY A 719 25.57 -2.84 -13.36
CA GLY A 719 25.34 -2.26 -12.04
C GLY A 719 23.86 -1.93 -11.73
N ARG A 720 23.02 -1.75 -12.75
CA ARG A 720 21.59 -1.38 -12.54
C ARG A 720 20.83 -2.57 -11.92
N VAL A 721 20.03 -2.29 -10.90
CA VAL A 721 19.22 -3.26 -10.25
C VAL A 721 17.80 -2.67 -10.00
N TYR A 722 16.79 -3.49 -10.22
CA TYR A 722 15.42 -3.16 -9.96
C TYR A 722 14.90 -4.08 -8.87
N ILE A 723 14.41 -3.49 -7.78
CA ILE A 723 13.96 -4.27 -6.64
C ILE A 723 12.54 -3.89 -6.28
N GLY A 724 11.67 -4.90 -6.23
CA GLY A 724 10.29 -4.69 -5.88
C GLY A 724 10.21 -4.49 -4.39
N THR A 725 9.34 -3.60 -3.99
CA THR A 725 8.97 -3.45 -2.58
C THR A 725 7.48 -3.72 -2.41
N ASN A 726 7.07 -3.86 -1.14
CA ASN A 726 5.65 -4.06 -0.73
C ASN A 726 5.09 -2.81 -0.08
N GLY A 727 4.83 -1.81 -0.94
CA GLY A 727 4.16 -0.53 -0.58
C GLY A 727 4.96 0.72 -0.83
N ARG A 728 6.21 0.54 -1.27
CA ARG A 728 7.06 1.64 -1.76
C ARG A 728 7.40 1.57 -3.25
N GLY A 729 6.54 0.97 -4.04
CA GLY A 729 6.76 0.80 -5.47
C GLY A 729 8.01 -0.02 -5.87
N ILE A 730 8.51 0.27 -7.06
CA ILE A 730 9.69 -0.34 -7.61
C ILE A 730 10.81 0.67 -7.38
N VAL A 731 11.82 0.28 -6.63
CA VAL A 731 13.05 1.12 -6.56
C VAL A 731 14.12 0.58 -7.53
N TYR A 732 14.98 1.46 -8.01
CA TYR A 732 16.15 0.97 -8.79
C TYR A 732 17.39 1.76 -8.43
N GLY A 733 18.54 1.05 -8.55
CA GLY A 733 19.84 1.50 -8.12
C GLY A 733 20.84 1.51 -9.26
N ASP A 734 21.70 2.52 -9.31
CA ASP A 734 22.88 2.57 -10.26
C ASP A 734 24.13 2.87 -9.47
N ILE A 735 25.24 2.33 -9.94
CA ILE A 735 26.52 2.62 -9.39
C ILE A 735 26.74 4.14 -9.41
N ALA A 736 27.21 4.69 -8.33
CA ALA A 736 27.53 6.09 -8.35
C ALA A 736 28.97 6.34 -7.93
N GLY A 737 29.80 5.31 -7.80
CA GLY A 737 31.17 5.50 -7.37
C GLY A 737 31.90 4.18 -7.37
N ALA A 738 33.22 4.23 -7.11
CA ALA A 738 34.03 3.01 -7.02
C ALA A 738 33.79 2.32 -5.70
N PRO A 739 33.97 1.04 -5.63
CA PRO A 739 33.74 0.36 -4.35
C PRO A 739 34.78 0.76 -3.32
N SER A 740 34.47 0.69 -2.02
CA SER A 740 35.43 1.01 -0.93
C SER A 740 36.70 0.11 -0.91
N GLY A 741 36.53 -1.17 -1.23
CA GLY A 741 37.65 -2.11 -1.47
C GLY A 741 37.37 -2.93 -2.73
K K B . -18.65 24.74 13.10
K K C . 16.87 -10.10 -17.91
K K D . 8.67 8.72 -8.45
C1 EDO E . 13.08 7.41 -3.95
O1 EDO E . 12.13 7.88 -3.03
C2 EDO E . 13.71 6.07 -3.62
O2 EDO E . 14.51 6.24 -2.46
C1 EDO F . 17.77 -4.40 7.61
O1 EDO F . 16.91 -4.89 6.58
C2 EDO F . 17.38 -4.89 9.02
O2 EDO F . 16.32 -4.11 9.61
C1 EDO G . -29.46 12.21 20.21
O1 EDO G . -29.61 12.26 21.66
C2 EDO G . -30.42 11.19 19.58
O2 EDO G . -29.89 9.84 19.37
C1 EDO H . 0.26 -34.62 -10.37
O1 EDO H . 1.43 -34.41 -9.58
C2 EDO H . 0.67 -34.68 -11.84
O2 EDO H . 0.96 -36.03 -12.33
C1 EDO I . -27.27 -6.17 23.52
O1 EDO I . -27.32 -6.53 22.15
C2 EDO I . -26.87 -4.74 23.56
O2 EDO I . -25.73 -4.71 22.72
C1 EDO J . 5.57 9.80 -10.80
O1 EDO J . 6.57 10.55 -11.51
C2 EDO J . 5.46 10.20 -9.36
O2 EDO J . 6.76 10.62 -8.83
C1 EDO K . -8.29 -26.07 -21.03
O1 EDO K . -9.06 -26.74 -22.04
C2 EDO K . -7.67 -24.80 -21.58
O2 EDO K . -7.04 -25.04 -22.86
C1 EDO L . 16.12 6.19 12.57
C1 EDO L . 16.43 6.38 13.34
O1 EDO L . 17.54 6.30 12.39
O1 EDO L . 15.69 5.71 14.38
C2 EDO L . 15.37 7.26 11.75
C2 EDO L . 15.46 7.12 12.41
O2 EDO L . 15.93 8.55 12.00
O2 EDO L . 15.94 8.43 12.07
C1 EDO M . 14.33 7.91 1.20
O1 EDO M . 14.25 7.41 -0.09
C2 EDO M . 15.70 7.49 1.58
O2 EDO M . 16.45 8.68 1.56
C1 EDO N . 32.40 -6.72 -5.86
O1 EDO N . 31.94 -6.43 -7.17
C2 EDO N . 31.75 -8.05 -5.67
O2 EDO N . 32.09 -8.95 -6.70
C1 EDO O . -21.66 -3.09 3.52
O1 EDO O . -20.88 -1.95 3.27
C2 EDO O . -21.86 -3.05 5.01
O2 EDO O . -22.84 -3.97 5.48
C1 EDO P . 21.87 -10.71 -17.49
O1 EDO P . 20.53 -11.13 -17.64
C2 EDO P . 22.69 -11.62 -18.38
O2 EDO P . 23.74 -10.93 -19.03
C1 EDO Q . 23.53 3.77 -1.63
O1 EDO Q . 24.97 3.84 -1.68
C2 EDO Q . 23.07 5.05 -0.92
O2 EDO Q . 22.28 5.96 -1.72
C1 EDO R . -13.69 -1.76 28.79
O1 EDO R . -13.28 -1.97 30.15
C2 EDO R . -15.14 -2.18 28.54
O2 EDO R . -15.45 -2.36 27.16
C1 EDO S . -27.89 23.01 12.20
O1 EDO S . -26.50 22.84 12.48
C2 EDO S . -28.40 21.68 11.66
O2 EDO S . -29.73 21.69 11.17
C1 EDO T . 30.02 -20.06 -11.78
O1 EDO T . 29.24 -21.25 -11.62
C2 EDO T . 29.38 -19.01 -10.91
O2 EDO T . 29.72 -19.29 -9.54
C1 GOL U . 14.57 -13.41 -16.52
O1 GOL U . 14.24 -12.58 -15.43
C2 GOL U . 15.89 -14.14 -16.42
O2 GOL U . 16.93 -13.29 -15.94
C3 GOL U . 15.66 -15.31 -15.45
O3 GOL U . 16.17 -15.10 -14.14
C1 GOL V . 21.90 -23.27 6.67
O1 GOL V . 22.15 -24.65 6.36
C2 GOL V . 22.73 -22.08 6.09
O2 GOL V . 23.79 -21.64 6.96
C3 GOL V . 23.31 -22.23 4.69
O3 GOL V . 24.01 -21.02 4.23
C1 GOL W . 11.32 -13.09 -9.07
O1 GOL W . 11.40 -13.54 -7.72
C2 GOL W . 11.79 -11.67 -9.08
O2 GOL W . 12.74 -11.61 -8.01
C3 GOL W . 12.33 -11.32 -10.45
O3 GOL W . 11.35 -10.42 -10.94
C1 GOL X . 4.81 1.79 26.89
O1 GOL X . 4.74 0.93 28.03
C2 GOL X . 6.20 2.28 26.43
O2 GOL X . 6.88 1.27 25.71
C3 GOL X . 7.14 2.70 27.54
O3 GOL X . 7.13 4.13 27.53
C ACT Y . 3.23 10.51 -18.72
O ACT Y . 2.33 9.64 -18.77
OXT ACT Y . 4.43 10.10 -18.68
CH3 ACT Y . 2.89 11.98 -18.75
C ACT Z . 17.90 -0.45 -20.68
O ACT Z . 17.79 -1.66 -20.97
OXT ACT Z . 17.63 -0.11 -19.52
CH3 ACT Z . 18.39 0.58 -21.68
C ACT AA . -5.02 21.03 -8.98
O ACT AA . -6.01 21.08 -9.74
OXT ACT AA . -4.88 20.09 -8.15
CH3 ACT AA . -3.99 22.11 -9.08
NA NA BA . 31.67 -8.66 -19.17
NA NA CA . -4.21 -1.32 0.71
NA NA DA . -22.13 0.96 0.06
NA NA EA . 7.81 -32.51 -1.37
NA NA FA . 8.45 -31.20 2.58
NA NA GA . -8.07 -9.26 19.73
C FMT HA . 4.19 8.74 30.66
O1 FMT HA . 3.03 8.27 30.77
O2 FMT HA . 4.51 9.72 29.77
C FMT IA . -4.89 12.03 35.32
O1 FMT IA . -5.42 11.02 35.79
O2 FMT IA . -5.44 12.62 34.28
C FMT JA . -14.85 15.58 -15.38
O1 FMT JA . -15.53 15.10 -16.25
O2 FMT JA . -13.60 15.93 -15.67
C FMT KA . -8.35 3.64 -21.18
O1 FMT KA . -7.59 4.46 -20.69
O2 FMT KA . -9.14 4.01 -22.19
#